data_9H8U
#
_entry.id   9H8U
#
_cell.length_a   90.565
_cell.length_b   90.565
_cell.length_c   290.432
_cell.angle_alpha   90.000
_cell.angle_beta   90.000
_cell.angle_gamma   90.000
#
_symmetry.space_group_name_H-M   'P 43 21 2'
#
loop_
_entity.id
_entity.type
_entity.pdbx_description
1 polymer 'FAD-linked oxidoreductase sorD'
2 branched alpha-D-mannopyranose-(1-3)-alpha-D-mannopyranose-(1-3)-alpha-D-mannopyranose-(1-4)-2-acetamido-2-deoxy-beta-D-glucopyranose-(1-4)-2-acetamido-2-deoxy-beta-D-glucopyranose
3 branched alpha-D-mannopyranose-(1-3)-[alpha-D-mannopyranose-(1-6)]alpha-D-mannopyranose-(1-4)-2-acetamido-2-deoxy-beta-D-glucopyranose-(1-4)-2-acetamido-2-deoxy-beta-D-glucopyranose
4 branched alpha-D-mannopyranose-(1-3)-alpha-D-mannopyranose-(1-4)-2-acetamido-2-deoxy-beta-D-glucopyranose-(1-4)-2-acetamido-2-deoxy-beta-D-glucopyranose
5 branched alpha-D-mannopyranose-(1-4)-2-acetamido-2-deoxy-beta-D-glucopyranose-(1-4)-2-acetamido-2-deoxy-beta-D-glucopyranose
6 non-polymer 'FLAVIN-ADENINE DINUCLEOTIDE'
7 non-polymer 2-acetamido-2-deoxy-beta-D-glucopyranose
8 non-polymer (2~{Z})-1-[3,5-dimethyl-2,4-bis(oxidanyl)phenyl]hexa-2,4-dien-1-one
9 water water
#
_entity_poly.entity_id   1
_entity_poly.type   'polypeptide(L)'
_entity_poly.pdbx_seq_one_letter_code
;MQAASAFATCLLASVGGNSSAVAFPNQANYSTLVAPYNFDLLTTPSAIVWPQDTQQVAAAVKCAVDSDIKVQPKSGGHNY
GNYGSTTGELSVNLDNLQHFSMNETSWTARLGPGNRLGRVTELMYNNGGRHVPHGTTFTVGLGGHATVGGAGAASRMHGL
LLDYVEEVEVVLANSSIVRASKSHNEDLFFAVRGAASSVGIVTDFSIRTEPVPVSSVTYSYIWEGTDPAARAEVFLTWQS
LLAGGSLPQHMAYDLVATANSMILGGAYFGSQEDFEAFNLSSHFKVAPDVTHIKTYTNFFDFSAAASAQTKAAGIASPSH
FYAKSLVFNQQTLIPDDAAEEVFKYLATTKNGTDLYAVTFAALGGAVRDVSASETAFYHRDASYFMFSFGRTSGDLTDTT
VQFLDGLSEVLTSGQPDAYYGQYVGNVDPRQPTDEALTGYYGKNLHRLQQIKSAVDPNDVFHNQQSIPPLS
;
_entity_poly.pdbx_strand_id   A,B
#
loop_
_chem_comp.id
_chem_comp.type
_chem_comp.name
_chem_comp.formula
A1ITD non-polymer (2~{Z})-1-[3,5-dimethyl-2,4-bis(oxidanyl)phenyl]hexa-2,4-dien-1-one 'C14 H16 O3'
FAD non-polymer 'FLAVIN-ADENINE DINUCLEOTIDE' 'C27 H33 N9 O15 P2'
MAN D-saccharide, alpha linking alpha-D-mannopyranose 'C6 H12 O6'
NAG D-saccharide, beta linking 2-acetamido-2-deoxy-beta-D-glucopyranose 'C8 H15 N O6'
#
# COMPACT_ATOMS: atom_id res chain seq x y z
N SER A 5 37.63 -29.78 5.77
CA SER A 5 39.07 -29.54 5.92
C SER A 5 39.63 -28.50 4.91
N ALA A 6 39.45 -28.69 3.60
CA ALA A 6 39.74 -27.59 2.66
C ALA A 6 39.10 -26.32 3.16
N PHE A 7 37.84 -26.45 3.57
CA PHE A 7 37.03 -25.41 4.19
C PHE A 7 37.55 -25.08 5.58
N ALA A 8 37.73 -26.09 6.43
CA ALA A 8 38.27 -25.81 7.76
C ALA A 8 39.62 -25.11 7.75
N THR A 9 40.38 -25.17 6.65
CA THR A 9 41.74 -24.61 6.68
C THR A 9 41.84 -23.16 6.28
N CYS A 10 40.97 -22.72 5.37
CA CYS A 10 40.91 -21.31 5.09
C CYS A 10 40.00 -20.57 6.06
N LEU A 11 39.08 -21.27 6.71
CA LEU A 11 38.24 -20.62 7.71
C LEU A 11 39.09 -20.28 8.95
N LEU A 12 40.13 -21.07 9.21
CA LEU A 12 41.19 -20.64 10.11
C LEU A 12 41.90 -19.41 9.55
N ALA A 13 42.03 -19.34 8.23
CA ALA A 13 42.76 -18.25 7.60
C ALA A 13 41.94 -16.96 7.57
N SER A 14 40.62 -17.10 7.48
CA SER A 14 39.76 -15.92 7.52
C SER A 14 39.91 -15.19 8.85
N VAL A 15 40.11 -15.93 9.92
CA VAL A 15 40.26 -15.32 11.24
C VAL A 15 41.75 -15.32 11.60
N GLY A 16 42.60 -15.17 10.58
CA GLY A 16 44.05 -14.96 10.69
C GLY A 16 44.78 -15.87 11.64
N GLY A 17 44.43 -17.16 11.65
CA GLY A 17 45.08 -18.08 12.55
C GLY A 17 44.27 -18.35 13.80
N ASN A 18 43.82 -17.28 14.48
CA ASN A 18 43.25 -17.40 15.82
C ASN A 18 42.33 -18.62 15.89
N SER A 19 42.84 -19.74 16.43
CA SER A 19 42.05 -20.98 16.50
C SER A 19 40.87 -20.82 17.42
N SER A 20 40.87 -19.81 18.28
CA SER A 20 39.77 -19.58 19.19
C SER A 20 38.65 -18.75 18.55
N ALA A 21 38.87 -18.28 17.32
CA ALA A 21 37.82 -17.60 16.57
C ALA A 21 37.25 -18.46 15.45
N VAL A 22 37.16 -19.77 15.64
CA VAL A 22 36.59 -20.68 14.65
C VAL A 22 36.44 -22.03 15.31
N ALA A 23 35.40 -22.78 14.92
CA ALA A 23 35.04 -23.96 15.71
C ALA A 23 34.15 -24.88 14.88
N PHE A 24 34.33 -26.19 15.07
CA PHE A 24 33.75 -27.20 14.20
C PHE A 24 33.02 -28.26 14.98
N PRO A 25 32.06 -28.92 14.34
CA PRO A 25 31.05 -29.71 15.07
C PRO A 25 31.59 -30.94 15.72
N ASN A 26 32.88 -31.23 15.60
CA ASN A 26 33.44 -32.42 16.24
C ASN A 26 33.82 -32.18 17.69
N GLN A 27 34.17 -30.95 18.05
CA GLN A 27 34.50 -30.58 19.42
C GLN A 27 33.31 -30.80 20.36
N ALA A 28 33.57 -30.67 21.67
CA ALA A 28 32.54 -30.93 22.67
C ALA A 28 31.78 -29.69 23.12
N ASN A 29 32.40 -28.50 23.08
CA ASN A 29 31.66 -27.27 23.43
C ASN A 29 30.73 -26.84 22.31
N TYR A 30 30.84 -27.50 21.15
CA TYR A 30 30.08 -27.07 19.98
C TYR A 30 28.60 -26.92 20.32
N SER A 31 28.02 -27.92 20.99
CA SER A 31 26.62 -27.83 21.40
C SER A 31 26.34 -26.50 22.07
N THR A 32 27.26 -26.06 22.93
CA THR A 32 27.11 -24.90 23.80
C THR A 32 27.48 -23.57 23.11
N LEU A 33 28.45 -23.57 22.20
CA LEU A 33 28.76 -22.39 21.39
C LEU A 33 27.60 -22.04 20.45
N VAL A 34 26.97 -23.04 19.84
CA VAL A 34 25.89 -22.77 18.90
C VAL A 34 24.77 -22.02 19.58
N ALA A 35 24.73 -22.11 20.91
CA ALA A 35 23.89 -21.26 21.75
C ALA A 35 22.47 -21.12 21.18
N PRO A 36 21.69 -22.19 21.14
CA PRO A 36 20.34 -22.11 20.60
C PRO A 36 19.45 -21.30 21.50
N TYR A 37 18.56 -20.51 20.87
CA TYR A 37 17.57 -19.71 21.60
C TYR A 37 16.29 -20.50 21.79
N ASN A 38 15.86 -21.19 20.74
CA ASN A 38 14.78 -22.13 20.88
C ASN A 38 15.37 -23.49 21.17
N PHE A 39 14.98 -24.08 22.31
CA PHE A 39 15.57 -25.30 22.82
C PHE A 39 15.11 -26.55 22.10
N ASP A 40 14.07 -26.47 21.28
CA ASP A 40 13.53 -27.58 20.53
C ASP A 40 14.13 -27.70 19.13
N LEU A 41 14.37 -26.57 18.47
CA LEU A 41 14.84 -26.60 17.09
C LEU A 41 16.37 -26.58 17.04
N LEU A 42 16.98 -27.54 17.71
CA LEU A 42 18.43 -27.57 17.77
C LEU A 42 19.00 -27.75 16.37
N THR A 43 20.15 -27.11 16.13
CA THR A 43 20.78 -27.03 14.80
C THR A 43 22.27 -27.35 14.91
N THR A 44 22.85 -27.97 13.89
CA THR A 44 24.31 -28.12 13.81
C THR A 44 24.88 -27.43 12.58
N PRO A 45 25.49 -26.24 12.76
CA PRO A 45 26.17 -25.58 11.66
C PRO A 45 27.34 -26.40 11.20
N SER A 46 27.74 -26.16 9.95
CA SER A 46 28.92 -26.79 9.41
C SER A 46 30.19 -26.31 10.11
N ALA A 47 30.22 -25.04 10.51
CA ALA A 47 31.28 -24.44 11.31
C ALA A 47 30.69 -23.19 11.96
N ILE A 48 31.51 -22.54 12.79
CA ILE A 48 31.18 -21.25 13.41
C ILE A 48 32.46 -20.46 13.45
N VAL A 49 32.37 -19.22 13.03
CA VAL A 49 33.52 -18.33 12.92
C VAL A 49 33.15 -17.00 13.56
N TRP A 50 34.09 -16.43 14.31
CA TRP A 50 33.93 -15.13 14.96
C TRP A 50 34.82 -14.15 14.23
N PRO A 51 34.38 -13.55 13.13
CA PRO A 51 35.21 -12.54 12.46
C PRO A 51 35.41 -11.34 13.37
N GLN A 52 36.53 -10.65 13.09
CA GLN A 52 37.06 -9.50 13.81
C GLN A 52 36.53 -8.19 13.26
N ASP A 53 36.54 -8.07 11.94
CA ASP A 53 36.25 -6.85 11.20
C ASP A 53 35.47 -7.23 9.93
N THR A 54 35.36 -6.30 8.97
CA THR A 54 34.62 -6.60 7.74
C THR A 54 35.41 -7.48 6.77
N GLN A 55 36.70 -7.23 6.55
CA GLN A 55 37.41 -8.10 5.60
C GLN A 55 37.35 -9.56 6.05
N GLN A 56 37.24 -9.79 7.36
CA GLN A 56 37.18 -11.15 7.84
C GLN A 56 35.81 -11.78 7.58
N VAL A 57 34.74 -10.99 7.62
CA VAL A 57 33.46 -11.52 7.20
C VAL A 57 33.50 -11.81 5.70
N ALA A 58 34.07 -10.89 4.91
CA ALA A 58 34.18 -11.14 3.48
C ALA A 58 34.91 -12.43 3.24
N ALA A 59 36.08 -12.57 3.85
CA ALA A 59 36.90 -13.78 3.73
C ALA A 59 36.12 -15.03 4.11
N ALA A 60 35.58 -15.07 5.34
CA ALA A 60 34.82 -16.25 5.75
C ALA A 60 33.75 -16.62 4.72
N VAL A 61 33.06 -15.63 4.16
CA VAL A 61 31.95 -15.97 3.26
C VAL A 61 32.48 -16.71 2.04
N LYS A 62 33.58 -16.21 1.44
CA LYS A 62 34.20 -16.95 0.34
C LYS A 62 34.53 -18.37 0.77
N CYS A 63 35.12 -18.55 1.97
CA CYS A 63 35.39 -19.91 2.43
C CYS A 63 34.20 -20.83 2.25
N ALA A 64 32.98 -20.37 2.60
CA ALA A 64 31.81 -21.23 2.40
C ALA A 64 31.46 -21.38 0.93
N VAL A 65 31.67 -20.34 0.14
CA VAL A 65 31.28 -20.39 -1.27
C VAL A 65 32.20 -21.33 -2.02
N ASP A 66 33.48 -21.33 -1.66
CA ASP A 66 34.46 -22.18 -2.33
C ASP A 66 34.11 -23.67 -2.18
N SER A 67 33.43 -24.05 -1.08
CA SER A 67 33.06 -25.43 -0.74
C SER A 67 31.54 -25.63 -0.74
N ASP A 68 30.86 -24.93 -1.65
CA ASP A 68 29.41 -25.02 -1.89
C ASP A 68 28.62 -25.17 -0.57
N ILE A 69 28.83 -24.21 0.34
CA ILE A 69 28.11 -24.16 1.63
C ILE A 69 27.42 -22.79 1.75
N LYS A 70 26.22 -22.80 2.35
CA LYS A 70 25.41 -21.61 2.50
C LYS A 70 25.66 -20.96 3.86
N VAL A 71 25.18 -19.73 4.01
CA VAL A 71 25.67 -18.86 5.08
C VAL A 71 24.51 -18.17 5.78
N GLN A 72 24.62 -18.02 7.11
CA GLN A 72 23.69 -17.19 7.85
C GLN A 72 24.48 -16.48 8.94
N PRO A 73 24.42 -15.17 9.04
CA PRO A 73 25.06 -14.48 10.17
C PRO A 73 24.23 -14.61 11.43
N LYS A 74 24.92 -14.56 12.56
CA LYS A 74 24.28 -14.57 13.88
C LYS A 74 24.81 -13.35 14.59
N SER A 75 23.92 -12.46 15.01
CA SER A 75 24.37 -11.32 15.79
C SER A 75 24.10 -11.59 17.26
N GLY A 76 22.82 -11.47 17.61
CA GLY A 76 22.33 -11.45 18.96
C GLY A 76 21.69 -12.75 19.40
N GLY A 77 21.21 -13.56 18.43
CA GLY A 77 20.78 -14.92 18.69
C GLY A 77 19.28 -15.18 18.80
N HIS A 78 18.43 -14.15 18.70
CA HIS A 78 17.01 -14.26 19.07
C HIS A 78 16.10 -14.82 18.00
N ASN A 79 16.63 -15.37 16.92
CA ASN A 79 15.74 -15.92 15.91
C ASN A 79 15.08 -17.20 16.43
N TYR A 80 13.72 -17.23 16.50
CA TYR A 80 12.98 -18.40 17.01
C TYR A 80 13.21 -19.68 16.19
N GLY A 81 13.57 -19.55 14.90
CA GLY A 81 13.94 -20.75 14.19
C GLY A 81 15.37 -21.17 14.41
N ASN A 82 16.16 -20.33 15.09
CA ASN A 82 17.61 -20.50 15.22
C ASN A 82 18.31 -20.41 13.86
N TYR A 83 17.76 -19.62 12.94
CA TYR A 83 18.30 -19.63 11.59
C TYR A 83 19.70 -19.08 11.57
N GLY A 84 20.08 -18.32 12.60
CA GLY A 84 21.45 -17.84 12.64
C GLY A 84 22.41 -19.00 12.62
N SER A 85 21.93 -20.18 13.02
CA SER A 85 22.72 -21.41 13.15
C SER A 85 22.18 -22.53 12.23
N THR A 86 21.37 -22.17 11.23
CA THR A 86 21.01 -23.10 10.17
C THR A 86 21.98 -24.26 9.98
N THR A 87 21.45 -25.48 10.07
CA THR A 87 22.28 -26.67 10.05
C THR A 87 23.00 -26.87 8.73
N GLY A 88 24.29 -27.20 8.81
CA GLY A 88 25.01 -27.43 7.57
C GLY A 88 25.22 -26.17 6.76
N GLU A 89 25.22 -25.02 7.40
CA GLU A 89 25.53 -23.75 6.78
C GLU A 89 26.68 -23.13 7.56
N LEU A 90 27.35 -22.14 6.99
CA LEU A 90 28.31 -21.39 7.78
C LEU A 90 27.56 -20.45 8.73
N SER A 91 27.92 -20.46 10.04
CA SER A 91 27.35 -19.54 11.05
C SER A 91 28.35 -18.44 11.40
N VAL A 92 28.12 -17.24 10.88
CA VAL A 92 29.05 -16.12 11.04
C VAL A 92 28.62 -15.32 12.25
N ASN A 93 29.31 -15.55 13.37
CA ASN A 93 28.97 -14.91 14.64
C ASN A 93 29.66 -13.57 14.74
N LEU A 94 28.85 -12.53 14.84
CA LEU A 94 29.33 -11.18 14.71
C LEU A 94 29.63 -10.55 16.06
N ASP A 95 29.87 -11.37 17.09
CA ASP A 95 29.93 -10.84 18.43
C ASP A 95 31.09 -9.86 18.57
N ASN A 96 32.07 -9.91 17.68
CA ASN A 96 33.18 -8.97 17.83
C ASN A 96 32.93 -7.64 17.15
N LEU A 97 32.03 -7.61 16.17
CA LEU A 97 31.70 -6.36 15.48
C LEU A 97 30.74 -5.61 16.38
N GLN A 98 31.31 -4.92 17.36
CA GLN A 98 30.54 -4.22 18.38
C GLN A 98 30.98 -2.78 18.50
N HIS A 99 31.33 -2.15 17.37
CA HIS A 99 31.83 -0.77 17.37
C HIS A 99 30.71 0.25 17.54
N PHE A 100 31.04 1.39 18.18
CA PHE A 100 30.08 2.45 18.46
C PHE A 100 30.78 3.80 18.44
N SER A 101 30.41 4.64 17.49
CA SER A 101 30.85 6.02 17.49
C SER A 101 29.63 6.94 17.34
N MET A 102 29.76 8.17 17.84
CA MET A 102 28.69 9.14 17.73
C MET A 102 29.23 10.44 17.11
N ASN A 103 28.39 11.09 16.28
CA ASN A 103 28.66 12.42 15.70
C ASN A 103 27.88 13.47 16.47
N GLU A 104 28.59 14.31 17.26
CA GLU A 104 27.92 15.34 18.08
C GLU A 104 27.17 16.34 17.20
N THR A 105 27.50 16.42 15.91
CA THR A 105 26.86 17.37 15.01
C THR A 105 25.57 16.86 14.38
N SER A 106 25.65 15.78 13.60
CA SER A 106 24.42 15.24 13.01
C SER A 106 23.61 14.47 14.03
N TRP A 107 24.26 13.93 15.07
CA TRP A 107 23.69 12.94 15.99
C TRP A 107 23.46 11.60 15.29
N THR A 108 24.30 11.28 14.32
CA THR A 108 24.22 10.02 13.60
C THR A 108 25.32 9.13 14.19
N ALA A 109 24.91 8.09 14.93
CA ALA A 109 25.81 7.11 15.50
C ALA A 109 26.10 6.00 14.49
N ARG A 110 27.17 5.26 14.76
CA ARG A 110 27.72 4.28 13.82
C ARG A 110 28.04 3.01 14.63
N LEU A 111 27.18 1.97 14.50
CA LEU A 111 27.26 0.78 15.32
C LEU A 111 27.50 -0.47 14.47
N GLY A 112 28.13 -1.46 15.11
CA GLY A 112 28.30 -2.77 14.51
C GLY A 112 27.18 -3.71 14.90
N PRO A 113 27.04 -4.80 14.15
CA PRO A 113 25.84 -5.64 14.29
C PRO A 113 25.80 -6.43 15.58
N GLY A 114 26.95 -6.68 16.19
CA GLY A 114 27.01 -7.45 17.43
C GLY A 114 26.63 -6.68 18.66
N ASN A 115 26.39 -5.37 18.54
CA ASN A 115 25.83 -4.61 19.64
C ASN A 115 24.46 -5.13 20.03
N ARG A 116 24.27 -5.44 21.30
CA ARG A 116 22.96 -5.86 21.76
C ARG A 116 22.16 -4.63 22.22
N LEU A 117 20.84 -4.71 22.11
CA LEU A 117 20.01 -3.53 22.34
C LEU A 117 20.33 -2.83 23.65
N GLY A 118 20.67 -3.61 24.68
CA GLY A 118 21.05 -3.01 25.96
C GLY A 118 22.23 -2.07 25.84
N ARG A 119 23.24 -2.47 25.04
CA ARG A 119 24.41 -1.62 24.91
C ARG A 119 24.18 -0.49 23.91
N VAL A 120 23.29 -0.68 22.94
CA VAL A 120 22.97 0.45 22.10
C VAL A 120 22.33 1.53 22.95
N THR A 121 21.38 1.15 23.81
CA THR A 121 20.69 2.14 24.65
C THR A 121 21.64 2.82 25.64
N GLU A 122 22.46 2.06 26.38
CA GLU A 122 23.39 2.70 27.30
C GLU A 122 24.30 3.70 26.58
N LEU A 123 24.72 3.38 25.36
CA LEU A 123 25.72 4.24 24.71
C LEU A 123 25.11 5.47 24.07
N MET A 124 23.95 5.32 23.43
CA MET A 124 23.30 6.48 22.84
C MET A 124 22.78 7.43 23.92
N TYR A 125 22.53 6.92 25.13
CA TYR A 125 22.17 7.80 26.22
C TYR A 125 23.39 8.56 26.71
N ASN A 126 24.44 7.83 27.10
CA ASN A 126 25.63 8.46 27.65
C ASN A 126 26.28 9.42 26.66
N ASN A 127 26.26 9.10 25.36
CA ASN A 127 26.89 9.97 24.37
C ASN A 127 25.87 10.93 23.75
N GLY A 128 25.34 11.80 24.63
CA GLY A 128 24.59 12.97 24.21
C GLY A 128 23.09 12.87 24.43
N GLY A 129 22.65 12.09 25.41
CA GLY A 129 21.24 11.95 25.66
C GLY A 129 20.38 11.66 24.45
N ARG A 130 20.78 10.65 23.67
CA ARG A 130 20.09 10.20 22.47
C ARG A 130 19.51 8.81 22.70
N HIS A 131 18.47 8.50 21.93
CA HIS A 131 17.96 7.13 21.85
C HIS A 131 17.42 6.97 20.45
N VAL A 132 16.93 5.77 20.15
CA VAL A 132 16.28 5.52 18.87
C VAL A 132 15.18 4.48 19.06
N PRO A 133 14.13 4.50 18.25
CA PRO A 133 13.04 3.52 18.45
C PRO A 133 13.57 2.12 18.21
N HIS A 134 13.24 1.20 19.12
CA HIS A 134 13.66 -0.19 18.97
C HIS A 134 12.86 -1.12 19.90
N GLY A 135 13.24 -2.40 19.96
CA GLY A 135 12.51 -3.32 20.81
C GLY A 135 12.92 -3.20 22.27
N THR A 136 12.15 -3.85 23.15
CA THR A 136 12.40 -3.73 24.58
C THR A 136 13.43 -4.72 25.13
N THR A 137 13.65 -5.85 24.48
CA THR A 137 14.51 -6.87 25.06
C THR A 137 15.98 -6.52 24.84
N PHE A 138 16.69 -6.25 25.94
CA PHE A 138 18.10 -5.86 25.90
C PHE A 138 19.03 -6.95 25.33
N THR A 139 18.60 -8.21 25.25
CA THR A 139 19.49 -9.23 24.65
C THR A 139 19.31 -9.39 23.15
N VAL A 140 18.33 -8.71 22.54
CA VAL A 140 18.22 -8.67 21.10
C VAL A 140 19.46 -8.05 20.49
N GLY A 141 20.12 -8.80 19.61
CA GLY A 141 21.24 -8.23 18.88
C GLY A 141 20.76 -7.24 17.83
N LEU A 142 21.61 -6.25 17.50
CA LEU A 142 21.21 -5.21 16.54
C LEU A 142 21.22 -5.73 15.11
N GLY A 143 22.22 -6.54 14.74
CA GLY A 143 22.32 -7.04 13.37
C GLY A 143 21.01 -7.59 12.81
N GLY A 144 20.33 -8.43 13.57
CA GLY A 144 19.09 -9.06 13.16
C GLY A 144 17.81 -8.31 13.44
N HIS A 145 17.92 -7.11 14.04
CA HIS A 145 16.80 -6.31 14.53
C HIS A 145 16.56 -5.09 13.63
N ALA A 146 17.59 -4.27 13.43
CA ALA A 146 17.49 -3.20 12.45
C ALA A 146 17.15 -3.76 11.08
N THR A 147 17.52 -4.99 10.80
CA THR A 147 17.23 -5.52 9.48
C THR A 147 15.84 -6.18 9.34
N VAL A 148 15.09 -6.43 10.42
CA VAL A 148 13.75 -7.04 10.22
C VAL A 148 12.68 -5.97 10.40
N GLY A 149 12.95 -5.02 11.27
CA GLY A 149 12.09 -3.87 11.43
C GLY A 149 12.44 -3.15 12.71
N GLY A 150 12.08 -3.74 13.85
CA GLY A 150 12.42 -3.23 15.17
C GLY A 150 11.44 -2.25 15.80
N ALA A 151 10.40 -2.77 16.45
CA ALA A 151 9.34 -1.97 17.04
C ALA A 151 9.43 -1.96 18.57
N GLY A 152 8.91 -0.91 19.18
CA GLY A 152 9.01 -0.84 20.62
C GLY A 152 8.33 0.38 21.18
N ALA A 153 8.75 0.75 22.39
CA ALA A 153 8.05 1.80 23.12
C ALA A 153 7.88 3.06 22.28
N ALA A 154 8.96 3.48 21.61
CA ALA A 154 8.98 4.76 20.93
C ALA A 154 8.51 4.65 19.48
N SER A 155 7.81 3.59 19.11
CA SER A 155 7.55 3.36 17.69
C SER A 155 6.38 4.19 17.18
N ARG A 156 5.23 4.14 17.87
CA ARG A 156 4.13 5.02 17.48
C ARG A 156 4.60 6.47 17.43
N MET A 157 5.58 6.82 18.27
CA MET A 157 6.10 8.17 18.32
C MET A 157 7.05 8.47 17.17
N HIS A 158 7.88 7.51 16.80
CA HIS A 158 8.99 7.74 15.88
C HIS A 158 9.10 6.73 14.75
N GLY A 159 8.54 5.54 14.86
CA GLY A 159 8.64 4.56 13.80
C GLY A 159 9.52 3.38 14.15
N LEU A 160 9.84 2.61 13.11
CA LEU A 160 10.76 1.48 13.22
C LEU A 160 12.21 1.96 13.33
N LEU A 161 13.02 1.17 14.04
CA LEU A 161 14.46 1.42 14.03
C LEU A 161 14.96 1.56 12.61
N LEU A 162 14.46 0.74 11.67
CA LEU A 162 15.02 0.80 10.33
C LEU A 162 14.66 2.08 9.62
N ASP A 163 13.67 2.84 10.11
CA ASP A 163 13.46 4.17 9.56
C ASP A 163 14.61 5.11 9.85
N TYR A 164 15.36 4.87 10.91
CA TYR A 164 16.48 5.73 11.28
C TYR A 164 17.81 5.20 10.74
N VAL A 165 17.77 4.09 10.01
CA VAL A 165 18.97 3.59 9.34
C VAL A 165 19.15 4.41 8.07
N GLU A 166 20.32 5.04 7.95
CA GLU A 166 20.63 5.98 6.88
C GLU A 166 21.59 5.41 5.84
N GLU A 167 22.50 4.53 6.27
CA GLU A 167 23.50 3.85 5.45
C GLU A 167 23.90 2.55 6.15
N VAL A 168 24.25 1.51 5.35
CA VAL A 168 24.78 0.24 5.86
C VAL A 168 26.03 -0.18 5.10
N GLU A 169 26.86 -0.99 5.74
CA GLU A 169 27.98 -1.64 5.05
C GLU A 169 27.59 -3.11 4.85
N VAL A 170 27.52 -3.53 3.59
CA VAL A 170 27.01 -4.86 3.30
C VAL A 170 28.11 -5.71 2.69
N VAL A 171 28.29 -6.91 3.22
CA VAL A 171 29.17 -7.89 2.60
C VAL A 171 28.29 -8.81 1.81
N LEU A 172 28.60 -8.97 0.51
CA LEU A 172 27.69 -9.64 -0.42
C LEU A 172 28.08 -11.09 -0.62
N ALA A 173 27.23 -11.83 -1.35
CA ALA A 173 27.52 -13.24 -1.63
C ALA A 173 28.86 -13.43 -2.34
N ASN A 174 29.13 -12.66 -3.37
CA ASN A 174 30.44 -12.80 -4.00
C ASN A 174 31.57 -12.12 -3.22
N SER A 175 31.36 -11.81 -1.93
CA SER A 175 32.38 -11.24 -1.03
C SER A 175 32.75 -9.78 -1.27
N SER A 176 32.05 -9.07 -2.15
CA SER A 176 32.27 -7.65 -2.29
C SER A 176 31.76 -6.93 -1.05
N ILE A 177 32.36 -5.78 -0.78
CA ILE A 177 31.93 -4.96 0.33
C ILE A 177 31.37 -3.69 -0.26
N VAL A 178 30.08 -3.48 -0.10
CA VAL A 178 29.45 -2.32 -0.69
C VAL A 178 28.83 -1.51 0.43
N ARG A 179 28.53 -0.25 0.12
CA ARG A 179 27.63 0.49 0.99
C ARG A 179 26.29 0.64 0.29
N ALA A 180 25.28 0.97 1.08
CA ALA A 180 23.93 1.12 0.58
C ALA A 180 23.24 2.21 1.37
N SER A 181 22.36 2.93 0.69
CA SER A 181 21.67 4.07 1.26
C SER A 181 20.58 4.43 0.29
N LYS A 182 19.78 5.44 0.65
CA LYS A 182 18.69 5.81 -0.25
C LYS A 182 19.20 6.41 -1.57
N SER A 183 20.49 6.79 -1.64
CA SER A 183 21.11 7.39 -2.83
C SER A 183 22.08 6.49 -3.59
N HIS A 184 22.40 5.31 -3.08
CA HIS A 184 23.54 4.56 -3.61
C HIS A 184 23.31 3.08 -3.37
N ASN A 185 22.95 2.33 -4.42
CA ASN A 185 22.47 0.96 -4.27
C ASN A 185 21.11 0.96 -3.60
N GLU A 186 20.19 1.76 -4.14
CA GLU A 186 18.87 1.91 -3.55
C GLU A 186 18.21 0.55 -3.34
N ASP A 187 18.29 -0.32 -4.35
CA ASP A 187 17.55 -1.57 -4.30
C ASP A 187 18.07 -2.46 -3.18
N LEU A 188 19.39 -2.66 -3.12
CA LEU A 188 19.97 -3.42 -2.03
C LEU A 188 19.48 -2.86 -0.71
N PHE A 189 19.64 -1.54 -0.54
CA PHE A 189 19.23 -0.85 0.69
C PHE A 189 17.74 -1.03 0.98
N PHE A 190 16.92 -1.19 -0.06
CA PHE A 190 15.52 -1.56 0.15
C PHE A 190 15.43 -2.92 0.85
N ALA A 191 16.22 -3.90 0.40
CA ALA A 191 16.10 -5.26 0.96
C ALA A 191 16.77 -5.38 2.32
N VAL A 192 17.88 -4.68 2.52
CA VAL A 192 18.51 -4.74 3.82
C VAL A 192 17.57 -4.19 4.90
N ARG A 193 16.64 -3.28 4.54
CA ARG A 193 15.73 -2.72 5.54
C ARG A 193 14.41 -3.50 5.55
N GLY A 194 14.52 -4.78 5.92
CA GLY A 194 13.39 -5.62 6.23
C GLY A 194 13.70 -7.07 5.96
N ALA A 195 14.76 -7.29 5.13
CA ALA A 195 15.08 -8.62 4.65
C ALA A 195 16.59 -8.85 4.46
N ALA A 196 17.42 -8.13 5.22
CA ALA A 196 18.87 -8.26 5.07
C ALA A 196 19.34 -9.71 5.19
N SER A 197 18.62 -10.56 5.94
CA SER A 197 19.13 -11.91 6.15
C SER A 197 19.34 -12.65 4.85
N SER A 198 18.59 -12.28 3.79
CA SER A 198 18.59 -13.09 2.58
C SER A 198 19.50 -12.55 1.48
N VAL A 199 20.07 -11.34 1.63
CA VAL A 199 20.86 -10.72 0.56
C VAL A 199 22.33 -10.43 0.94
N GLY A 200 22.69 -10.40 2.22
CA GLY A 200 24.04 -10.00 2.61
C GLY A 200 24.17 -9.95 4.12
N ILE A 201 25.39 -9.66 4.55
CA ILE A 201 25.72 -9.48 5.97
C ILE A 201 26.01 -8.01 6.21
N VAL A 202 25.20 -7.39 7.06
CA VAL A 202 25.33 -5.98 7.38
C VAL A 202 26.43 -5.88 8.43
N THR A 203 27.58 -5.31 8.09
CA THR A 203 28.66 -5.23 9.04
C THR A 203 28.88 -3.86 9.66
N ASP A 204 28.05 -2.88 9.35
CA ASP A 204 28.07 -1.63 10.12
C ASP A 204 26.83 -0.85 9.75
N PHE A 205 26.39 -0.01 10.69
CA PHE A 205 25.10 0.71 10.61
C PHE A 205 25.31 2.20 10.85
N SER A 206 24.86 3.05 9.92
CA SER A 206 24.68 4.48 10.19
C SER A 206 23.24 4.66 10.62
N ILE A 207 23.04 5.07 11.87
CA ILE A 207 21.70 5.22 12.38
C ILE A 207 21.55 6.61 12.96
N ARG A 208 20.62 7.39 12.40
CA ARG A 208 20.17 8.63 13.00
C ARG A 208 19.57 8.40 14.38
N THR A 209 19.64 9.42 15.24
CA THR A 209 19.02 9.33 16.55
C THR A 209 18.10 10.51 16.81
N GLU A 210 17.24 10.33 17.81
CA GLU A 210 16.39 11.34 18.38
C GLU A 210 16.94 11.72 19.75
N PRO A 211 16.51 12.84 20.32
CA PRO A 211 16.85 13.13 21.73
C PRO A 211 15.87 12.44 22.67
N VAL A 212 16.36 12.06 23.85
CA VAL A 212 15.59 11.13 24.67
C VAL A 212 14.39 11.90 25.18
N PRO A 213 13.28 11.26 25.55
CA PRO A 213 12.19 11.98 26.18
C PRO A 213 12.54 12.35 27.61
N VAL A 214 12.06 13.52 28.03
CA VAL A 214 12.41 14.02 29.36
C VAL A 214 11.68 13.24 30.46
N SER A 215 10.45 12.79 30.15
CA SER A 215 9.55 12.14 31.11
C SER A 215 8.93 10.95 30.42
N SER A 216 9.38 9.76 30.77
CA SER A 216 8.73 8.55 30.30
C SER A 216 7.88 8.01 31.45
N VAL A 217 6.62 7.73 31.16
CA VAL A 217 5.62 7.27 32.13
C VAL A 217 5.17 5.88 31.75
N THR A 218 5.57 4.87 32.53
CA THR A 218 5.07 3.51 32.38
C THR A 218 3.70 3.37 33.06
N TYR A 219 2.92 2.38 32.65
CA TYR A 219 1.60 2.22 33.23
C TYR A 219 1.11 0.82 32.97
N SER A 220 0.42 0.25 33.96
CA SER A 220 0.14 -1.18 33.97
C SER A 220 -1.16 -1.39 34.74
N TYR A 221 -2.24 -1.47 34.01
CA TYR A 221 -3.52 -1.79 34.58
C TYR A 221 -3.71 -3.31 34.47
N ILE A 222 -4.36 -3.93 35.45
CA ILE A 222 -4.59 -5.38 35.39
C ILE A 222 -6.02 -5.77 35.69
N TRP A 223 -6.44 -6.87 35.08
CA TRP A 223 -7.70 -7.54 35.36
C TRP A 223 -7.39 -9.02 35.56
N GLU A 224 -7.48 -9.51 36.80
CA GLU A 224 -7.46 -10.94 37.00
C GLU A 224 -8.87 -11.51 36.79
N GLY A 225 -8.91 -12.82 36.56
CA GLY A 225 -10.19 -13.46 36.27
C GLY A 225 -10.14 -14.24 34.99
N THR A 226 -10.46 -15.53 35.08
CA THR A 226 -10.45 -16.43 33.93
C THR A 226 -11.80 -16.51 33.21
N ASP A 227 -12.61 -15.44 33.26
CA ASP A 227 -13.92 -15.41 32.63
C ASP A 227 -13.85 -14.85 31.21
N PRO A 228 -13.93 -15.69 30.15
CA PRO A 228 -13.93 -15.17 28.78
C PRO A 228 -14.68 -13.86 28.56
N ALA A 229 -15.95 -13.79 28.99
CA ALA A 229 -16.77 -12.63 28.69
C ALA A 229 -16.16 -11.33 29.21
N ALA A 230 -15.59 -11.37 30.42
CA ALA A 230 -14.97 -10.18 30.98
C ALA A 230 -13.71 -9.81 30.20
N ARG A 231 -12.95 -10.83 29.79
CA ARG A 231 -11.70 -10.62 29.06
C ARG A 231 -11.96 -10.07 27.67
N ALA A 232 -12.93 -10.64 26.95
CA ALA A 232 -13.29 -10.09 25.64
C ALA A 232 -13.81 -8.66 25.75
N GLU A 233 -14.39 -8.28 26.90
CA GLU A 233 -14.79 -6.89 27.10
C GLU A 233 -13.58 -5.98 27.19
N VAL A 234 -12.57 -6.42 27.94
CA VAL A 234 -11.32 -5.67 28.01
C VAL A 234 -10.73 -5.50 26.61
N PHE A 235 -10.51 -6.61 25.91
CA PHE A 235 -9.93 -6.56 24.56
C PHE A 235 -10.72 -5.64 23.65
N LEU A 236 -12.02 -5.92 23.50
CA LEU A 236 -12.83 -5.12 22.59
C LEU A 236 -12.73 -3.65 22.93
N THR A 237 -12.72 -3.32 24.23
CA THR A 237 -12.45 -1.96 24.67
C THR A 237 -11.13 -1.45 24.09
N TRP A 238 -10.05 -2.17 24.38
CA TRP A 238 -8.72 -1.76 23.95
C TRP A 238 -8.67 -1.60 22.43
N GLN A 239 -9.08 -2.64 21.70
CA GLN A 239 -9.15 -2.55 20.25
C GLN A 239 -10.02 -1.39 19.78
N SER A 240 -11.12 -1.13 20.46
CA SER A 240 -12.02 -0.11 19.96
C SER A 240 -11.47 1.29 20.28
N LEU A 241 -10.92 1.48 21.48
CA LEU A 241 -10.19 2.71 21.79
C LEU A 241 -9.12 3.01 20.75
N LEU A 242 -8.23 2.03 20.53
CA LEU A 242 -7.15 2.18 19.57
C LEU A 242 -7.67 2.61 18.21
N ALA A 243 -8.60 1.83 17.64
CA ALA A 243 -9.27 2.21 16.40
C ALA A 243 -10.00 3.54 16.52
N GLY A 244 -10.20 4.06 17.73
CA GLY A 244 -10.75 5.37 17.90
C GLY A 244 -9.88 6.42 17.24
N GLY A 245 -8.65 6.54 17.71
CA GLY A 245 -7.83 7.71 17.48
C GLY A 245 -7.91 8.72 18.60
N SER A 246 -8.79 8.48 19.57
CA SER A 246 -8.76 9.18 20.83
C SER A 246 -7.42 9.07 21.53
N LEU A 247 -6.63 8.06 21.19
CA LEU A 247 -5.38 7.83 21.88
C LEU A 247 -4.33 8.84 21.42
N PRO A 248 -3.36 9.14 22.28
CA PRO A 248 -2.25 9.98 21.84
C PRO A 248 -1.30 9.21 20.93
N GLN A 249 -0.69 9.92 19.98
CA GLN A 249 0.26 9.28 19.07
C GLN A 249 1.55 8.89 19.78
N HIS A 250 2.09 9.76 20.63
CA HIS A 250 3.33 9.46 21.35
C HIS A 250 3.04 8.70 22.63
N MET A 251 2.34 7.58 22.50
CA MET A 251 2.00 6.77 23.65
C MET A 251 2.01 5.32 23.22
N ALA A 252 2.87 4.50 23.83
CA ALA A 252 2.89 3.08 23.53
C ALA A 252 1.75 2.41 24.25
N TYR A 253 1.32 1.26 23.72
CA TYR A 253 -0.02 0.78 24.07
C TYR A 253 -0.12 -0.74 23.80
N ASP A 254 0.32 -1.53 24.78
CA ASP A 254 0.34 -2.98 24.68
C ASP A 254 -0.85 -3.57 25.40
N LEU A 255 -1.05 -4.87 25.22
CA LEU A 255 -2.12 -5.57 25.92
C LEU A 255 -1.75 -7.04 25.91
N VAL A 256 -1.35 -7.58 27.06
CA VAL A 256 -0.88 -8.96 27.16
C VAL A 256 -1.89 -9.78 27.95
N ALA A 257 -2.27 -10.93 27.41
CA ALA A 257 -3.22 -11.83 28.05
C ALA A 257 -2.51 -13.14 28.37
N THR A 258 -2.57 -13.55 29.62
CA THR A 258 -1.98 -14.78 30.09
C THR A 258 -3.09 -15.79 30.27
N ALA A 259 -2.80 -16.87 31.00
CA ALA A 259 -3.88 -17.75 31.43
C ALA A 259 -4.97 -16.97 32.18
N ASN A 260 -4.57 -16.22 33.20
CA ASN A 260 -5.47 -15.72 34.23
C ASN A 260 -5.48 -14.21 34.39
N SER A 261 -4.93 -13.44 33.45
CA SER A 261 -4.94 -12.00 33.62
C SER A 261 -4.91 -11.29 32.27
N MET A 262 -5.34 -10.03 32.29
CA MET A 262 -5.27 -9.11 31.17
C MET A 262 -4.46 -7.90 31.63
N ILE A 263 -3.44 -7.51 30.85
CA ILE A 263 -2.48 -6.50 31.27
C ILE A 263 -2.44 -5.41 30.20
N LEU A 264 -3.33 -4.42 30.32
CA LEU A 264 -3.15 -3.19 29.56
C LEU A 264 -1.92 -2.46 30.11
N GLY A 265 -0.92 -2.22 29.24
CA GLY A 265 0.29 -1.53 29.63
C GLY A 265 0.84 -0.72 28.48
N GLY A 266 1.89 0.04 28.76
CA GLY A 266 2.43 0.96 27.79
C GLY A 266 3.19 2.08 28.47
N ALA A 267 3.59 3.04 27.65
CA ALA A 267 4.39 4.17 28.09
C ALA A 267 3.86 5.42 27.40
N TYR A 268 3.72 6.50 28.16
CA TYR A 268 3.37 7.81 27.62
C TYR A 268 4.55 8.78 27.81
N PHE A 269 4.85 9.57 26.78
CA PHE A 269 5.98 10.51 26.83
C PHE A 269 5.41 11.92 26.95
N GLY A 270 5.66 12.52 28.10
CA GLY A 270 4.91 13.66 28.60
C GLY A 270 4.73 13.48 30.10
N SER A 271 4.18 14.48 30.78
CA SER A 271 4.14 14.46 32.24
C SER A 271 3.12 13.45 32.75
N GLN A 272 3.48 12.77 33.86
CA GLN A 272 2.55 11.87 34.54
C GLN A 272 1.19 12.49 34.76
N GLU A 273 1.14 13.81 34.94
CA GLU A 273 -0.12 14.53 35.02
C GLU A 273 -0.99 14.19 33.81
N ASP A 274 -0.50 14.56 32.64
CA ASP A 274 -1.32 14.47 31.43
C ASP A 274 -1.76 13.03 31.16
N PHE A 275 -0.91 12.05 31.49
CA PHE A 275 -1.35 10.69 31.29
C PHE A 275 -2.61 10.42 32.09
N GLU A 276 -2.52 10.61 33.41
CA GLU A 276 -3.65 10.35 34.28
C GLU A 276 -4.85 11.18 33.84
N ALA A 277 -4.61 12.42 33.40
CA ALA A 277 -5.65 13.27 32.85
C ALA A 277 -6.34 12.65 31.64
N PHE A 278 -5.68 11.72 30.94
CA PHE A 278 -6.41 10.94 29.96
C PHE A 278 -7.32 9.91 30.60
N ASN A 279 -7.11 9.64 31.90
CA ASN A 279 -7.93 8.71 32.68
C ASN A 279 -8.11 7.41 31.90
N LEU A 280 -6.99 6.92 31.37
CA LEU A 280 -7.02 5.86 30.37
C LEU A 280 -7.94 4.72 30.78
N SER A 281 -7.93 4.35 32.07
CA SER A 281 -8.74 3.22 32.50
C SER A 281 -10.23 3.55 32.56
N SER A 282 -10.60 4.83 32.58
CA SER A 282 -12.02 5.17 32.55
C SER A 282 -12.72 4.47 31.39
N HIS A 283 -12.25 4.69 30.16
CA HIS A 283 -12.84 4.17 28.94
C HIS A 283 -13.23 2.68 29.01
N PHE A 284 -12.77 1.96 30.04
CA PHE A 284 -13.07 0.53 30.20
C PHE A 284 -14.28 0.32 31.09
N LYS A 285 -15.06 -0.72 30.76
CA LYS A 285 -16.34 -0.96 31.44
C LYS A 285 -16.12 -1.32 32.90
N VAL A 286 -15.42 -2.37 33.15
CA VAL A 286 -15.03 -2.74 34.50
C VAL A 286 -13.74 -2.03 34.85
N ALA A 287 -13.55 -1.69 36.12
CA ALA A 287 -12.29 -1.08 36.50
C ALA A 287 -11.24 -2.17 36.74
N PRO A 288 -9.97 -1.84 36.56
CA PRO A 288 -8.91 -2.83 36.77
C PRO A 288 -8.61 -3.04 38.26
N ASP A 289 -8.10 -4.25 38.55
CA ASP A 289 -7.67 -4.61 39.90
C ASP A 289 -6.50 -3.76 40.38
N VAL A 290 -5.41 -3.79 39.62
CA VAL A 290 -4.15 -3.22 40.07
C VAL A 290 -3.75 -2.11 39.12
N THR A 291 -2.97 -1.17 39.64
CA THR A 291 -2.60 0.07 38.95
C THR A 291 -1.17 0.43 39.32
N HIS A 292 -0.23 0.14 38.43
CA HIS A 292 1.14 0.55 38.59
C HIS A 292 1.36 1.67 37.60
N ILE A 293 1.75 2.84 38.09
CA ILE A 293 2.12 3.97 37.26
C ILE A 293 3.42 4.54 37.81
N LYS A 294 4.45 4.62 36.96
CA LYS A 294 5.78 5.10 37.35
C LYS A 294 6.27 6.08 36.32
N THR A 295 7.08 7.05 36.74
CA THR A 295 7.53 8.09 35.83
C THR A 295 9.03 8.18 35.95
N TYR A 296 9.72 7.91 34.85
CA TYR A 296 11.17 7.95 34.75
C TYR A 296 11.59 9.19 33.97
N THR A 297 12.65 9.84 34.43
CA THR A 297 13.29 10.89 33.64
C THR A 297 14.45 10.30 32.84
N ASN A 298 15.50 9.87 33.55
CA ASN A 298 16.52 8.97 33.00
C ASN A 298 15.86 7.93 32.10
N PHE A 299 16.11 8.04 30.80
CA PHE A 299 15.44 7.23 29.80
C PHE A 299 16.01 5.83 29.70
N PHE A 300 17.31 5.68 29.95
CA PHE A 300 17.94 4.36 30.00
C PHE A 300 17.36 3.52 31.12
N ASP A 301 16.90 4.16 32.21
CA ASP A 301 16.26 3.42 33.31
C ASP A 301 14.86 2.97 32.90
N PHE A 302 14.16 3.80 32.15
CA PHE A 302 12.89 3.36 31.61
C PHE A 302 13.11 2.12 30.75
N SER A 303 14.10 2.20 29.87
CA SER A 303 14.38 1.12 28.93
C SER A 303 14.81 -0.17 29.62
N ALA A 304 15.79 -0.08 30.53
CA ALA A 304 16.30 -1.27 31.21
C ALA A 304 15.24 -1.88 32.12
N ALA A 305 14.37 -1.04 32.69
CA ALA A 305 13.24 -1.50 33.47
C ALA A 305 12.32 -2.38 32.63
N ALA A 306 11.91 -1.88 31.45
CA ALA A 306 11.02 -2.65 30.61
C ALA A 306 11.70 -3.89 30.01
N SER A 307 13.01 -3.82 29.71
CA SER A 307 13.72 -5.04 29.32
C SER A 307 13.70 -6.05 30.44
N ALA A 308 13.93 -5.56 31.66
CA ALA A 308 13.87 -6.44 32.82
C ALA A 308 12.48 -7.06 32.94
N GLN A 309 11.44 -6.26 32.69
CA GLN A 309 10.06 -6.72 32.90
C GLN A 309 9.67 -7.89 32.01
N THR A 310 9.92 -7.80 30.71
CA THR A 310 9.66 -8.95 29.86
C THR A 310 10.50 -10.16 30.25
N LYS A 311 11.75 -9.96 30.67
CA LYS A 311 12.57 -11.11 31.05
C LYS A 311 11.94 -11.84 32.23
N ALA A 312 11.57 -11.09 33.27
CA ALA A 312 10.95 -11.65 34.47
C ALA A 312 9.61 -12.32 34.20
N ALA A 313 8.87 -11.87 33.19
CA ALA A 313 7.63 -12.56 32.84
C ALA A 313 7.89 -13.99 32.38
N GLY A 314 9.10 -14.27 31.88
CA GLY A 314 9.43 -15.59 31.39
C GLY A 314 9.20 -15.80 29.91
N ILE A 315 9.02 -14.73 29.16
CA ILE A 315 8.78 -14.82 27.72
C ILE A 315 9.96 -14.30 26.91
N ALA A 316 11.14 -14.08 27.55
CA ALA A 316 12.28 -13.45 26.90
C ALA A 316 13.59 -14.21 27.03
N SER A 317 13.59 -15.38 27.59
CA SER A 317 14.82 -16.13 27.81
C SER A 317 14.86 -17.34 26.89
N PRO A 318 16.03 -17.82 26.47
CA PRO A 318 16.05 -19.12 25.76
C PRO A 318 15.25 -20.13 26.56
N SER A 319 14.48 -20.96 25.86
CA SER A 319 13.57 -21.88 26.53
C SER A 319 13.07 -22.91 25.52
N HIS A 320 12.19 -23.78 25.98
CA HIS A 320 11.39 -24.61 25.09
C HIS A 320 10.10 -23.85 24.82
N PHE A 321 9.82 -23.58 23.55
CA PHE A 321 8.66 -22.75 23.25
C PHE A 321 8.31 -22.89 21.77
N TYR A 322 7.16 -22.29 21.41
CA TYR A 322 6.81 -22.05 20.03
C TYR A 322 5.91 -20.81 20.07
N ALA A 323 5.93 -20.03 18.99
CA ALA A 323 5.25 -18.74 18.93
C ALA A 323 4.91 -18.43 17.48
N LYS A 324 3.85 -17.63 17.30
CA LYS A 324 3.42 -17.22 15.97
C LYS A 324 3.07 -15.75 16.01
N SER A 325 2.87 -15.19 14.83
CA SER A 325 2.52 -13.78 14.75
C SER A 325 1.31 -13.60 13.84
N LEU A 326 0.77 -12.38 13.90
CA LEU A 326 -0.31 -11.92 13.07
C LEU A 326 -0.32 -10.40 13.07
N VAL A 327 -0.66 -9.83 11.93
CA VAL A 327 -0.89 -8.39 11.78
C VAL A 327 -2.39 -8.17 11.60
N PHE A 328 -2.96 -7.20 12.33
CA PHE A 328 -4.34 -6.75 12.13
C PHE A 328 -4.36 -5.25 11.87
N ASN A 329 -5.05 -4.84 10.83
CA ASN A 329 -5.22 -3.44 10.46
C ASN A 329 -6.71 -3.08 10.48
N GLN A 330 -7.06 -1.89 9.99
CA GLN A 330 -8.44 -1.42 10.08
C GLN A 330 -9.43 -2.40 9.45
N GLN A 331 -9.22 -2.71 8.16
CA GLN A 331 -10.09 -3.66 7.46
C GLN A 331 -10.23 -5.00 8.19
N THR A 332 -9.25 -5.36 9.01
CA THR A 332 -9.14 -6.73 9.51
C THR A 332 -9.33 -6.87 11.01
N LEU A 333 -9.69 -5.79 11.72
CA LEU A 333 -9.94 -5.82 13.15
C LEU A 333 -10.77 -7.02 13.56
N ILE A 334 -10.73 -7.40 14.83
CA ILE A 334 -11.45 -8.60 15.22
C ILE A 334 -12.89 -8.25 15.59
N PRO A 335 -13.88 -8.98 15.07
CA PRO A 335 -15.29 -8.72 15.41
C PRO A 335 -15.57 -8.80 16.92
N ASP A 336 -16.77 -8.34 17.30
CA ASP A 336 -17.25 -8.56 18.66
C ASP A 336 -17.48 -10.04 18.93
N ASP A 337 -18.17 -10.74 18.02
CA ASP A 337 -18.35 -12.17 18.20
C ASP A 337 -16.99 -12.87 18.25
N ALA A 338 -16.14 -12.59 17.25
CA ALA A 338 -14.86 -13.27 17.13
C ALA A 338 -14.07 -13.20 18.44
N ALA A 339 -14.00 -12.01 19.03
CA ALA A 339 -13.36 -11.87 20.33
C ALA A 339 -13.84 -12.93 21.30
N GLU A 340 -15.16 -13.03 21.47
CA GLU A 340 -15.75 -13.93 22.46
C GLU A 340 -15.35 -15.37 22.17
N GLU A 341 -15.43 -15.74 20.90
CA GLU A 341 -15.01 -17.07 20.45
C GLU A 341 -13.54 -17.31 20.77
N VAL A 342 -12.73 -16.26 20.66
CA VAL A 342 -11.30 -16.32 20.93
C VAL A 342 -11.06 -16.72 22.38
N PHE A 343 -11.45 -15.83 23.30
CA PHE A 343 -11.18 -16.07 24.72
C PHE A 343 -11.88 -17.34 25.20
N LYS A 344 -13.09 -17.59 24.68
CA LYS A 344 -13.66 -18.93 24.77
C LYS A 344 -12.63 -19.97 24.36
N TYR A 345 -12.04 -19.84 23.17
CA TYR A 345 -11.02 -20.81 22.76
C TYR A 345 -9.94 -20.93 23.83
N LEU A 346 -9.42 -19.80 24.30
CA LEU A 346 -8.25 -19.83 25.16
C LEU A 346 -8.52 -20.57 26.46
N ALA A 347 -9.71 -20.36 27.02
CA ALA A 347 -10.03 -20.95 28.31
C ALA A 347 -10.13 -22.48 28.23
N THR A 348 -10.46 -23.04 27.07
CA THR A 348 -10.95 -24.41 27.02
C THR A 348 -10.16 -25.35 26.14
N THR A 349 -9.12 -24.88 25.44
CA THR A 349 -8.23 -25.77 24.69
C THR A 349 -7.09 -26.19 25.60
N LYS A 350 -6.86 -27.50 25.66
CA LYS A 350 -5.61 -27.95 26.27
C LYS A 350 -4.47 -27.29 25.49
N ASN A 351 -3.60 -26.60 26.22
CA ASN A 351 -2.52 -25.85 25.63
C ASN A 351 -1.14 -26.47 25.83
N GLY A 352 -0.89 -27.20 26.91
CA GLY A 352 0.39 -27.87 27.06
C GLY A 352 1.51 -27.00 27.55
N THR A 353 1.19 -25.85 28.16
CA THR A 353 2.18 -24.82 28.48
C THR A 353 2.35 -24.70 29.98
N ASP A 354 3.59 -24.47 30.43
CA ASP A 354 3.79 -24.00 31.79
C ASP A 354 3.63 -22.50 31.90
N LEU A 355 3.58 -21.81 30.76
CA LEU A 355 3.26 -20.38 30.70
C LEU A 355 2.98 -19.99 29.26
N TYR A 356 1.94 -19.20 29.07
CA TYR A 356 1.61 -18.66 27.77
C TYR A 356 1.23 -17.20 27.96
N ALA A 357 1.42 -16.43 26.87
CA ALA A 357 0.99 -15.04 26.77
C ALA A 357 0.58 -14.74 25.33
N VAL A 358 -0.26 -13.73 25.17
CA VAL A 358 -0.69 -13.23 23.85
C VAL A 358 -0.65 -11.70 23.83
N THR A 359 0.27 -11.13 23.06
CA THR A 359 0.56 -9.71 23.15
C THR A 359 -0.03 -8.98 21.95
N PHE A 360 -0.60 -7.81 22.21
CA PHE A 360 -1.28 -6.97 21.23
C PHE A 360 -0.57 -5.62 21.24
N ALA A 361 0.46 -5.48 20.44
CA ALA A 361 1.26 -4.27 20.45
C ALA A 361 0.70 -3.30 19.41
N ALA A 362 0.40 -2.10 19.85
CA ALA A 362 -0.18 -1.13 18.96
C ALA A 362 0.91 -0.52 18.11
N LEU A 363 0.54 -0.08 16.92
CA LEU A 363 1.57 0.03 15.92
C LEU A 363 1.19 1.02 14.84
N GLY A 364 0.59 2.15 15.23
CA GLY A 364 0.22 3.12 14.22
C GLY A 364 1.15 4.30 14.19
N GLY A 365 0.59 5.50 14.22
CA GLY A 365 1.42 6.68 14.41
C GLY A 365 2.51 6.82 13.38
N ALA A 366 3.71 7.14 13.87
CA ALA A 366 4.86 7.37 13.00
C ALA A 366 5.22 6.16 12.14
N VAL A 367 4.79 4.94 12.49
CA VAL A 367 5.10 3.81 11.63
C VAL A 367 4.44 3.99 10.26
N ARG A 368 3.22 4.57 10.23
CA ARG A 368 2.49 4.77 8.99
C ARG A 368 3.15 5.83 8.12
N ASP A 369 4.06 6.63 8.69
CA ASP A 369 4.69 7.73 7.96
C ASP A 369 5.61 7.30 6.82
N VAL A 370 5.73 6.02 6.49
CA VAL A 370 6.67 5.58 5.48
C VAL A 370 5.95 4.60 4.56
N SER A 371 6.28 4.67 3.28
CA SER A 371 5.55 3.92 2.27
C SER A 371 5.65 2.41 2.52
N ALA A 372 4.56 1.70 2.22
CA ALA A 372 4.60 0.25 2.34
C ALA A 372 5.72 -0.37 1.47
N SER A 373 6.09 0.30 0.39
CA SER A 373 7.03 -0.21 -0.60
C SER A 373 8.37 0.52 -0.56
N GLU A 374 8.59 1.38 0.43
CA GLU A 374 9.83 2.15 0.53
C GLU A 374 10.92 1.40 1.26
N THR A 375 10.50 0.48 2.14
CA THR A 375 11.30 -0.52 2.85
C THR A 375 10.84 -1.92 2.48
N ALA A 376 11.66 -2.93 2.77
CA ALA A 376 11.15 -4.29 2.62
C ALA A 376 10.03 -4.59 3.61
N PHE A 377 9.95 -3.87 4.73
CA PHE A 377 8.86 -4.01 5.69
C PHE A 377 7.55 -3.57 5.06
N TYR A 378 6.57 -4.47 5.03
CA TYR A 378 5.39 -4.25 4.22
C TYR A 378 4.20 -3.71 5.02
N HIS A 379 4.11 -4.02 6.32
CA HIS A 379 2.95 -3.80 7.18
C HIS A 379 2.86 -2.38 7.75
N ARG A 380 3.09 -1.31 6.96
CA ARG A 380 3.10 0.04 7.52
C ARG A 380 1.73 0.45 8.05
N ASP A 381 0.66 0.02 7.36
CA ASP A 381 -0.71 0.38 7.68
C ASP A 381 -1.32 -0.51 8.75
N ALA A 382 -0.51 -1.35 9.38
CA ALA A 382 -0.99 -2.21 10.45
C ALA A 382 -1.44 -1.38 11.63
N SER A 383 -2.53 -1.83 12.26
CA SER A 383 -3.07 -1.21 13.46
C SER A 383 -2.46 -1.77 14.75
N TYR A 384 -2.35 -3.11 14.87
CA TYR A 384 -1.65 -3.72 15.98
C TYR A 384 -1.08 -5.09 15.61
N PHE A 385 0.00 -5.48 16.29
CA PHE A 385 0.56 -6.82 16.15
C PHE A 385 -0.07 -7.78 17.12
N MET A 386 0.00 -9.06 16.78
CA MET A 386 -0.34 -10.11 17.73
C MET A 386 0.76 -11.15 17.74
N PHE A 387 1.47 -11.23 18.86
CA PHE A 387 2.45 -12.27 19.12
C PHE A 387 1.87 -13.25 20.11
N SER A 388 1.92 -14.54 19.76
CA SER A 388 1.50 -15.61 20.64
C SER A 388 2.70 -16.50 20.95
N PHE A 389 2.88 -16.82 22.24
CA PHE A 389 4.05 -17.49 22.78
C PHE A 389 3.65 -18.61 23.73
N GLY A 390 4.14 -19.82 23.48
CA GLY A 390 3.83 -20.93 24.36
C GLY A 390 5.09 -21.58 24.89
N ARG A 391 5.42 -21.30 26.15
CA ARG A 391 6.53 -21.99 26.78
C ARG A 391 6.03 -23.31 27.34
N THR A 392 6.92 -24.29 27.35
CA THR A 392 6.60 -25.57 27.96
C THR A 392 7.75 -25.95 28.85
N SER A 393 7.45 -26.43 30.05
CA SER A 393 8.52 -26.87 30.94
C SER A 393 9.15 -28.15 30.41
N GLY A 394 8.38 -28.97 29.72
CA GLY A 394 8.95 -30.10 29.04
C GLY A 394 9.49 -29.69 27.69
N ASP A 395 9.78 -30.69 26.87
CA ASP A 395 9.94 -30.44 25.45
C ASP A 395 8.63 -29.97 24.86
N LEU A 396 8.75 -29.23 23.76
CA LEU A 396 7.57 -28.87 22.98
C LEU A 396 6.90 -30.12 22.44
N THR A 397 5.59 -30.21 22.60
CA THR A 397 4.83 -31.31 22.01
C THR A 397 3.78 -30.77 21.05
N ASP A 398 3.33 -31.66 20.16
CA ASP A 398 2.39 -31.23 19.13
C ASP A 398 1.09 -30.68 19.72
N THR A 399 0.86 -30.90 21.01
CA THR A 399 -0.24 -30.24 21.71
C THR A 399 -0.10 -28.73 21.59
N THR A 400 1.06 -28.22 21.97
CA THR A 400 1.27 -26.79 22.13
C THR A 400 1.16 -26.08 20.79
N VAL A 401 1.70 -26.72 19.73
CA VAL A 401 1.56 -26.21 18.35
C VAL A 401 0.10 -25.96 18.00
N GLN A 402 -0.72 -27.00 18.16
CA GLN A 402 -2.13 -26.89 17.79
C GLN A 402 -2.82 -25.83 18.62
N PHE A 403 -2.44 -25.70 19.89
CA PHE A 403 -2.98 -24.60 20.70
C PHE A 403 -2.73 -23.25 20.00
N LEU A 404 -1.47 -22.97 19.64
CA LEU A 404 -1.12 -21.71 18.99
C LEU A 404 -1.62 -21.65 17.56
N ASP A 405 -1.50 -22.74 16.80
CA ASP A 405 -2.09 -22.79 15.47
C ASP A 405 -3.56 -22.43 15.52
N GLY A 406 -4.30 -23.10 16.40
CA GLY A 406 -5.72 -22.81 16.52
C GLY A 406 -5.99 -21.39 16.96
N LEU A 407 -5.10 -20.85 17.78
CA LEU A 407 -5.23 -19.48 18.26
C LEU A 407 -5.15 -18.45 17.13
N SER A 408 -4.28 -18.70 16.14
CA SER A 408 -4.28 -17.86 14.95
C SER A 408 -5.56 -18.09 14.15
N GLU A 409 -5.95 -19.36 13.98
CA GLU A 409 -7.13 -19.69 13.18
C GLU A 409 -8.37 -18.98 13.71
N VAL A 410 -8.54 -18.98 15.04
CA VAL A 410 -9.69 -18.35 15.65
C VAL A 410 -9.59 -16.83 15.60
N LEU A 411 -8.39 -16.29 15.77
CA LEU A 411 -8.23 -14.84 15.84
C LEU A 411 -8.65 -14.17 14.54
N THR A 412 -8.37 -14.83 13.41
CA THR A 412 -8.76 -14.35 12.10
C THR A 412 -10.15 -14.80 11.66
N SER A 413 -10.74 -15.80 12.33
CA SER A 413 -11.94 -16.47 11.85
C SER A 413 -13.15 -15.55 11.93
N GLY A 414 -12.89 -14.30 12.26
CA GLY A 414 -13.82 -13.25 11.95
C GLY A 414 -13.73 -12.71 10.52
N GLN A 415 -12.79 -13.19 9.68
CA GLN A 415 -12.64 -12.80 8.27
C GLN A 415 -11.66 -13.72 7.58
N PRO A 416 -11.74 -15.04 7.82
CA PRO A 416 -10.55 -15.90 7.62
C PRO A 416 -9.89 -15.90 6.23
N ASP A 417 -10.54 -15.45 5.14
CA ASP A 417 -9.91 -15.53 3.82
C ASP A 417 -9.24 -14.22 3.35
N ALA A 418 -9.06 -13.23 4.24
CA ALA A 418 -8.40 -11.95 3.95
C ALA A 418 -6.89 -12.07 4.18
N TYR A 419 -6.16 -10.95 4.04
CA TYR A 419 -4.71 -10.96 4.18
C TYR A 419 -4.28 -10.59 5.60
N TYR A 420 -3.56 -11.52 6.24
CA TYR A 420 -2.96 -11.29 7.55
C TYR A 420 -1.43 -11.46 7.45
N GLY A 421 -0.71 -10.42 7.88
CA GLY A 421 0.73 -10.50 7.84
C GLY A 421 1.33 -11.18 9.04
N GLN A 422 2.63 -11.39 8.96
CA GLN A 422 3.42 -11.89 10.06
C GLN A 422 4.67 -11.02 10.18
N TYR A 423 5.11 -10.79 11.41
CA TYR A 423 6.36 -10.09 11.61
C TYR A 423 7.54 -11.03 11.39
N VAL A 424 8.54 -10.61 10.61
CA VAL A 424 9.60 -11.57 10.29
C VAL A 424 10.66 -11.58 11.38
N GLY A 425 10.52 -10.74 12.40
CA GLY A 425 11.30 -10.89 13.61
C GLY A 425 10.82 -12.02 14.50
N ASN A 426 9.57 -12.42 14.37
CA ASN A 426 8.97 -13.50 15.14
C ASN A 426 8.71 -14.65 14.18
N VAL A 427 9.81 -15.23 13.65
CA VAL A 427 9.65 -16.29 12.67
C VAL A 427 8.88 -17.45 13.28
N ASP A 428 8.32 -18.25 12.39
CA ASP A 428 7.36 -19.29 12.74
C ASP A 428 7.74 -20.46 11.84
N PRO A 429 8.68 -21.26 12.25
CA PRO A 429 9.17 -22.29 11.33
C PRO A 429 8.26 -23.51 11.23
N ARG A 430 6.99 -23.38 11.60
CA ARG A 430 6.03 -24.48 11.65
C ARG A 430 4.87 -24.26 10.68
N GLN A 431 5.20 -23.81 9.47
CA GLN A 431 4.20 -23.33 8.52
C GLN A 431 4.80 -23.44 7.13
N PRO A 432 3.97 -23.69 6.10
CA PRO A 432 4.51 -23.92 4.74
C PRO A 432 5.35 -22.75 4.25
N THR A 433 6.52 -23.08 3.70
CA THR A 433 7.45 -22.03 3.28
C THR A 433 6.76 -20.98 2.43
N ASP A 434 5.76 -21.38 1.64
CA ASP A 434 5.03 -20.44 0.79
C ASP A 434 4.15 -19.50 1.61
N GLU A 435 3.55 -20.02 2.69
CA GLU A 435 2.64 -19.23 3.51
C GLU A 435 3.42 -18.16 4.26
N ALA A 436 4.63 -18.52 4.69
CA ALA A 436 5.52 -17.65 5.44
C ALA A 436 5.92 -16.40 4.64
N LEU A 437 6.56 -16.61 3.48
CA LEU A 437 7.06 -15.47 2.70
C LEU A 437 5.96 -14.49 2.38
N THR A 438 4.72 -14.98 2.33
CA THR A 438 3.58 -14.13 2.04
C THR A 438 3.24 -13.24 3.22
N GLY A 439 3.13 -13.83 4.41
CA GLY A 439 2.91 -13.04 5.61
C GLY A 439 4.07 -12.11 5.91
N TYR A 440 5.31 -12.63 5.87
CA TYR A 440 6.48 -11.81 6.15
C TYR A 440 6.53 -10.59 5.24
N TYR A 441 6.56 -10.84 3.95
CA TYR A 441 6.92 -9.80 3.00
C TYR A 441 5.73 -9.26 2.23
N GLY A 442 4.61 -9.99 2.19
CA GLY A 442 3.47 -9.49 1.47
C GLY A 442 3.87 -9.10 0.08
N LYS A 443 3.36 -7.95 -0.39
CA LYS A 443 3.51 -7.67 -1.80
C LYS A 443 4.95 -7.34 -2.18
N ASN A 444 5.77 -6.88 -1.23
CA ASN A 444 7.19 -6.68 -1.50
C ASN A 444 7.91 -7.98 -1.86
N LEU A 445 7.27 -9.13 -1.70
CA LEU A 445 7.99 -10.38 -1.90
C LEU A 445 8.56 -10.45 -3.30
N HIS A 446 7.86 -9.89 -4.28
CA HIS A 446 8.35 -10.05 -5.64
C HIS A 446 9.52 -9.12 -5.92
N ARG A 447 9.42 -7.83 -5.57
CA ARG A 447 10.61 -7.00 -5.73
C ARG A 447 11.81 -7.65 -5.05
N LEU A 448 11.58 -8.32 -3.91
CA LEU A 448 12.67 -8.98 -3.18
C LEU A 448 13.25 -10.15 -3.97
N GLN A 449 12.42 -10.90 -4.70
CA GLN A 449 13.02 -11.89 -5.59
C GLN A 449 13.81 -11.20 -6.70
N GLN A 450 13.37 -10.02 -7.14
CA GLN A 450 14.16 -9.28 -8.14
C GLN A 450 15.54 -8.96 -7.60
N ILE A 451 15.61 -8.44 -6.38
CA ILE A 451 16.91 -8.07 -5.82
C ILE A 451 17.72 -9.33 -5.45
N LYS A 452 17.09 -10.27 -4.74
CA LYS A 452 17.78 -11.49 -4.37
C LYS A 452 18.54 -12.01 -5.57
N SER A 453 17.80 -12.27 -6.65
CA SER A 453 18.37 -12.80 -7.88
C SER A 453 19.58 -12.01 -8.35
N ALA A 454 19.62 -10.70 -8.11
CA ALA A 454 20.64 -9.86 -8.70
C ALA A 454 21.88 -9.62 -7.84
N VAL A 455 21.81 -9.79 -6.51
CA VAL A 455 22.97 -9.70 -5.63
C VAL A 455 23.30 -11.01 -4.94
N ASP A 456 22.60 -12.08 -5.26
CA ASP A 456 22.90 -13.39 -4.71
C ASP A 456 22.13 -14.36 -5.59
N PRO A 457 22.66 -14.69 -6.76
CA PRO A 457 21.92 -15.56 -7.66
C PRO A 457 21.91 -16.99 -7.19
N ASN A 458 23.02 -17.49 -6.67
CA ASN A 458 22.94 -18.75 -5.94
C ASN A 458 22.32 -18.44 -4.59
N ASP A 459 22.11 -19.43 -3.76
CA ASP A 459 21.42 -18.97 -2.58
C ASP A 459 22.42 -18.88 -1.44
N VAL A 460 23.53 -18.18 -1.61
CA VAL A 460 24.56 -18.29 -0.58
C VAL A 460 24.01 -17.94 0.81
N PHE A 461 23.12 -16.96 0.88
CA PHE A 461 22.51 -16.51 2.13
C PHE A 461 21.11 -17.10 2.22
N HIS A 462 20.98 -18.19 2.96
CA HIS A 462 19.82 -19.08 2.86
C HIS A 462 19.34 -19.52 4.23
N ASN A 463 18.03 -19.66 4.39
CA ASN A 463 17.52 -20.32 5.58
C ASN A 463 16.16 -20.91 5.22
N GLN A 464 15.42 -21.36 6.23
CA GLN A 464 14.16 -22.06 5.94
C GLN A 464 13.16 -21.19 5.21
N GLN A 465 13.16 -19.89 5.47
CA GLN A 465 12.17 -19.00 4.91
C GLN A 465 12.86 -17.75 4.34
N SER A 466 14.04 -17.98 3.76
CA SER A 466 14.76 -16.92 3.10
C SER A 466 14.05 -16.62 1.80
N ILE A 467 14.44 -15.53 1.16
CA ILE A 467 13.80 -15.09 -0.08
C ILE A 467 14.52 -15.78 -1.23
N PRO A 468 13.82 -16.57 -2.06
CA PRO A 468 14.48 -17.37 -3.07
C PRO A 468 14.45 -16.67 -4.40
N PRO A 469 15.44 -16.89 -5.25
CA PRO A 469 15.56 -16.08 -6.48
C PRO A 469 14.69 -16.59 -7.64
N LEU A 470 14.45 -15.66 -8.58
CA LEU A 470 13.41 -15.85 -9.59
C LEU A 470 13.66 -17.07 -10.47
N SER A 471 12.60 -17.46 -11.20
CA SER A 471 12.70 -18.50 -12.23
C SER A 471 12.07 -18.08 -13.57
N SER B 5 -42.42 -8.16 -21.31
CA SER B 5 -43.87 -8.13 -21.08
C SER B 5 -44.17 -7.84 -19.65
N ALA B 6 -43.87 -8.78 -18.76
CA ALA B 6 -43.85 -8.44 -17.35
C ALA B 6 -42.86 -7.31 -17.11
N PHE B 7 -41.60 -7.56 -17.47
CA PHE B 7 -40.52 -6.59 -17.37
C PHE B 7 -40.91 -5.27 -18.08
N ALA B 8 -41.39 -5.35 -19.32
CA ALA B 8 -41.70 -4.09 -20.01
C ALA B 8 -42.84 -3.32 -19.32
N THR B 9 -43.84 -4.02 -18.79
CA THR B 9 -44.94 -3.32 -18.13
C THR B 9 -44.47 -2.64 -16.85
N CYS B 10 -43.87 -3.41 -15.93
CA CYS B 10 -43.27 -2.83 -14.72
C CYS B 10 -42.43 -1.59 -15.06
N LEU B 11 -41.69 -1.65 -16.16
CA LEU B 11 -40.70 -0.63 -16.46
C LEU B 11 -41.34 0.65 -16.97
N LEU B 12 -42.46 0.53 -17.69
CA LEU B 12 -43.26 1.71 -17.99
C LEU B 12 -43.81 2.29 -16.70
N ALA B 13 -44.25 1.45 -15.77
CA ALA B 13 -44.62 1.92 -14.43
C ALA B 13 -43.50 2.73 -13.79
N SER B 14 -42.26 2.23 -13.83
CA SER B 14 -41.21 2.88 -13.06
C SER B 14 -41.01 4.32 -13.51
N VAL B 15 -41.21 4.61 -14.80
CA VAL B 15 -41.16 5.99 -15.30
C VAL B 15 -42.54 6.62 -15.34
N GLY B 16 -43.50 6.07 -14.62
CA GLY B 16 -44.83 6.69 -14.57
C GLY B 16 -45.45 6.86 -15.94
N GLY B 17 -45.39 5.83 -16.76
CA GLY B 17 -46.10 5.79 -18.02
C GLY B 17 -45.52 6.65 -19.12
N ASN B 18 -44.50 7.48 -18.83
CA ASN B 18 -43.87 8.16 -19.94
C ASN B 18 -43.26 7.15 -20.87
N SER B 19 -43.97 6.83 -21.97
CA SER B 19 -43.49 5.77 -22.83
C SER B 19 -42.30 6.22 -23.66
N SER B 20 -41.90 7.49 -23.59
CA SER B 20 -40.65 7.94 -24.18
C SER B 20 -39.52 8.00 -23.16
N ALA B 21 -39.72 7.38 -22.00
CA ALA B 21 -38.67 7.11 -21.02
C ALA B 21 -38.38 5.61 -20.92
N VAL B 22 -38.75 4.84 -21.93
CA VAL B 22 -38.46 3.42 -21.99
C VAL B 22 -38.20 3.08 -23.45
N ALA B 23 -37.12 2.34 -23.69
CA ALA B 23 -36.67 1.93 -25.02
C ALA B 23 -36.39 0.43 -25.03
N PHE B 24 -37.04 -0.29 -25.93
CA PHE B 24 -36.72 -1.71 -26.02
C PHE B 24 -36.04 -2.03 -27.35
N PRO B 25 -35.21 -3.09 -27.39
CA PRO B 25 -34.53 -3.45 -28.66
C PRO B 25 -35.40 -3.56 -29.91
N ASN B 26 -36.71 -3.80 -29.80
CA ASN B 26 -37.50 -3.88 -31.03
C ASN B 26 -37.69 -2.53 -31.76
N GLN B 27 -37.41 -1.38 -31.11
CA GLN B 27 -37.64 -0.03 -31.67
C GLN B 27 -36.54 0.38 -32.63
N ALA B 28 -36.90 1.26 -33.57
CA ALA B 28 -35.89 1.78 -34.50
C ALA B 28 -35.04 2.89 -33.88
N ASN B 29 -35.59 3.62 -32.92
CA ASN B 29 -34.77 4.53 -32.16
C ASN B 29 -33.57 3.78 -31.55
N TYR B 30 -33.76 2.55 -31.08
CA TYR B 30 -32.86 1.90 -30.12
C TYR B 30 -31.37 2.06 -30.33
N SER B 31 -30.88 1.62 -31.49
CA SER B 31 -29.44 1.56 -31.73
C SER B 31 -28.78 2.87 -31.31
N THR B 32 -29.46 3.98 -31.60
CA THR B 32 -28.88 5.29 -31.37
C THR B 32 -29.03 5.76 -29.92
N LEU B 33 -30.17 5.49 -29.28
CA LEU B 33 -30.33 5.74 -27.85
C LEU B 33 -29.20 5.11 -27.05
N VAL B 34 -28.75 3.94 -27.47
CA VAL B 34 -27.67 3.30 -26.73
C VAL B 34 -26.42 4.15 -26.81
N ALA B 35 -26.20 4.80 -27.94
CA ALA B 35 -25.27 5.92 -28.01
C ALA B 35 -23.85 5.45 -27.68
N PRO B 36 -23.33 4.53 -28.47
CA PRO B 36 -22.08 3.82 -28.12
C PRO B 36 -20.83 4.69 -28.20
N TYR B 37 -20.00 4.64 -27.15
CA TYR B 37 -18.80 5.47 -27.17
C TYR B 37 -17.66 4.80 -27.93
N ASN B 38 -17.48 3.52 -27.71
CA ASN B 38 -16.57 2.75 -28.53
C ASN B 38 -17.41 2.14 -29.65
N PHE B 39 -16.89 2.20 -30.88
CA PHE B 39 -17.69 1.72 -32.00
C PHE B 39 -17.48 0.25 -32.33
N ASP B 40 -16.60 -0.43 -31.63
CA ASP B 40 -16.38 -1.84 -31.88
C ASP B 40 -17.05 -2.69 -30.83
N LEU B 41 -16.64 -2.56 -29.57
CA LEU B 41 -17.44 -3.09 -28.48
C LEU B 41 -18.88 -2.55 -28.48
N LEU B 42 -19.62 -2.71 -29.57
CA LEU B 42 -21.04 -2.35 -29.52
C LEU B 42 -21.70 -3.16 -28.39
N THR B 43 -23.00 -2.97 -28.17
CA THR B 43 -23.72 -3.66 -27.09
C THR B 43 -25.21 -3.46 -27.31
N THR B 44 -26.03 -4.37 -26.77
CA THR B 44 -27.49 -4.25 -26.73
C THR B 44 -28.03 -4.52 -25.32
N PRO B 45 -28.45 -3.49 -24.59
CA PRO B 45 -29.10 -3.71 -23.30
C PRO B 45 -30.55 -4.15 -23.47
N SER B 46 -31.07 -4.88 -22.48
CA SER B 46 -32.39 -5.46 -22.76
C SER B 46 -33.51 -4.43 -22.54
N ALA B 47 -33.18 -3.25 -22.03
CA ALA B 47 -34.00 -2.05 -22.09
C ALA B 47 -33.16 -0.88 -21.63
N ILE B 48 -33.55 0.33 -22.07
CA ILE B 48 -33.05 1.57 -21.50
C ILE B 48 -34.21 2.25 -20.81
N VAL B 49 -33.96 2.77 -19.63
CA VAL B 49 -34.99 3.47 -18.86
C VAL B 49 -34.43 4.85 -18.50
N TRP B 50 -35.29 5.86 -18.61
CA TRP B 50 -34.91 7.25 -18.38
C TRP B 50 -35.63 7.80 -17.15
N PRO B 51 -35.16 7.53 -15.93
CA PRO B 51 -35.90 8.03 -14.76
C PRO B 51 -35.70 9.52 -14.56
N GLN B 52 -36.73 10.14 -13.96
CA GLN B 52 -36.76 11.58 -13.65
C GLN B 52 -36.06 11.92 -12.33
N ASP B 53 -36.21 11.05 -11.32
CA ASP B 53 -35.67 11.30 -9.98
C ASP B 53 -35.38 9.98 -9.27
N THR B 54 -34.86 10.11 -8.04
CA THR B 54 -34.44 8.95 -7.25
C THR B 54 -35.53 7.88 -7.15
N GLN B 55 -36.74 8.28 -6.78
CA GLN B 55 -37.81 7.31 -6.63
C GLN B 55 -37.92 6.44 -7.87
N GLN B 56 -37.61 7.00 -9.04
CA GLN B 56 -37.74 6.26 -10.28
C GLN B 56 -36.51 5.40 -10.60
N VAL B 57 -35.30 5.83 -10.25
CA VAL B 57 -34.19 4.89 -10.24
C VAL B 57 -34.56 3.68 -9.40
N ALA B 58 -34.82 3.89 -8.11
CA ALA B 58 -35.09 2.78 -7.20
C ALA B 58 -36.17 1.86 -7.74
N ALA B 59 -37.23 2.45 -8.31
CA ALA B 59 -38.28 1.63 -8.92
C ALA B 59 -37.79 0.98 -10.20
N ALA B 60 -36.91 1.66 -10.93
CA ALA B 60 -36.36 1.05 -12.13
C ALA B 60 -35.54 -0.17 -11.77
N VAL B 61 -34.75 -0.08 -10.69
CA VAL B 61 -33.83 -1.18 -10.35
C VAL B 61 -34.61 -2.43 -9.98
N LYS B 62 -35.65 -2.28 -9.15
CA LYS B 62 -36.45 -3.45 -8.83
C LYS B 62 -37.08 -4.08 -10.08
N CYS B 63 -37.41 -3.30 -11.11
CA CYS B 63 -38.00 -3.93 -12.30
C CYS B 63 -37.06 -4.96 -12.88
N ALA B 64 -35.79 -4.57 -13.03
CA ALA B 64 -34.75 -5.50 -13.41
C ALA B 64 -34.67 -6.66 -12.41
N VAL B 65 -34.47 -6.35 -11.13
CA VAL B 65 -34.32 -7.38 -10.11
C VAL B 65 -35.45 -8.39 -10.14
N ASP B 66 -36.68 -7.95 -10.37
CA ASP B 66 -37.81 -8.87 -10.28
C ASP B 66 -37.90 -9.81 -11.49
N SER B 67 -37.21 -9.50 -12.60
CA SER B 67 -37.11 -10.34 -13.78
C SER B 67 -35.73 -10.96 -13.94
N ASP B 68 -34.99 -11.15 -12.85
CA ASP B 68 -33.65 -11.73 -12.89
C ASP B 68 -32.80 -11.11 -14.01
N ILE B 69 -32.88 -9.78 -14.16
CA ILE B 69 -32.04 -9.01 -15.07
C ILE B 69 -31.08 -8.16 -14.25
N LYS B 70 -29.94 -7.82 -14.86
CA LYS B 70 -28.89 -7.05 -14.19
C LYS B 70 -28.85 -5.62 -14.71
N VAL B 71 -28.19 -4.77 -13.95
CA VAL B 71 -28.36 -3.33 -14.08
C VAL B 71 -27.01 -2.63 -14.17
N GLN B 72 -26.92 -1.62 -15.05
CA GLN B 72 -25.83 -0.67 -15.04
C GLN B 72 -26.42 0.71 -15.33
N PRO B 73 -26.10 1.74 -14.52
CA PRO B 73 -26.48 3.10 -14.88
C PRO B 73 -25.54 3.68 -15.90
N LYS B 74 -26.10 4.51 -16.79
CA LYS B 74 -25.31 5.32 -17.70
C LYS B 74 -25.41 6.78 -17.24
N SER B 75 -24.30 7.51 -17.32
CA SER B 75 -24.28 8.93 -17.03
C SER B 75 -23.71 9.64 -18.25
N GLY B 76 -22.41 9.95 -18.27
CA GLY B 76 -21.83 10.61 -19.44
C GLY B 76 -21.72 9.70 -20.65
N GLY B 77 -21.32 8.46 -20.43
CA GLY B 77 -21.14 7.50 -21.50
C GLY B 77 -19.71 7.22 -21.88
N HIS B 78 -18.74 7.77 -21.15
CA HIS B 78 -17.34 7.69 -21.57
C HIS B 78 -16.63 6.39 -21.22
N ASN B 79 -17.37 5.31 -21.07
CA ASN B 79 -16.74 4.06 -20.69
C ASN B 79 -16.27 3.35 -21.95
N TYR B 80 -14.96 3.11 -22.01
CA TYR B 80 -14.38 2.64 -23.25
C TYR B 80 -14.88 1.29 -23.64
N GLY B 81 -15.46 0.59 -22.69
CA GLY B 81 -16.12 -0.66 -23.00
C GLY B 81 -17.55 -0.50 -23.38
N ASN B 82 -18.13 0.66 -23.09
CA ASN B 82 -19.58 0.86 -23.16
C ASN B 82 -20.30 0.08 -22.07
N TYR B 83 -19.77 0.15 -20.86
CA TYR B 83 -20.32 -0.63 -19.74
C TYR B 83 -21.67 -0.12 -19.25
N GLY B 84 -21.98 1.16 -19.45
CA GLY B 84 -23.32 1.64 -19.06
C GLY B 84 -24.44 1.04 -19.88
N SER B 85 -24.12 0.52 -21.07
CA SER B 85 -25.09 -0.13 -21.93
C SER B 85 -24.79 -1.61 -22.14
N THR B 86 -24.16 -2.26 -21.13
CA THR B 86 -23.97 -3.73 -21.11
C THR B 86 -25.11 -4.51 -21.76
N THR B 87 -24.73 -5.52 -22.52
CA THR B 87 -25.71 -6.25 -23.32
C THR B 87 -26.60 -7.10 -22.41
N GLY B 88 -27.91 -7.07 -22.69
CA GLY B 88 -28.92 -7.79 -21.94
C GLY B 88 -29.22 -7.25 -20.56
N GLU B 89 -28.44 -6.30 -20.07
CA GLU B 89 -28.68 -5.65 -18.82
C GLU B 89 -29.61 -4.44 -19.02
N LEU B 90 -30.17 -3.97 -17.92
CA LEU B 90 -30.93 -2.73 -17.89
C LEU B 90 -29.96 -1.54 -17.91
N SER B 91 -30.19 -0.60 -18.84
CA SER B 91 -29.42 0.64 -18.92
C SER B 91 -30.27 1.71 -18.27
N VAL B 92 -29.81 2.23 -17.12
CA VAL B 92 -30.52 3.25 -16.36
C VAL B 92 -29.88 4.58 -16.71
N ASN B 93 -30.38 5.18 -17.78
CA ASN B 93 -29.85 6.44 -18.27
C ASN B 93 -30.28 7.54 -17.32
N LEU B 94 -29.30 8.22 -16.75
CA LEU B 94 -29.57 9.24 -15.75
C LEU B 94 -29.66 10.65 -16.34
N ASP B 95 -29.99 10.75 -17.63
CA ASP B 95 -29.89 12.05 -18.30
C ASP B 95 -30.73 13.11 -17.59
N ASN B 96 -31.83 12.71 -16.95
CA ASN B 96 -32.75 13.66 -16.36
C ASN B 96 -32.41 14.02 -14.91
N LEU B 97 -31.24 13.64 -14.42
CA LEU B 97 -30.83 13.97 -13.07
C LEU B 97 -29.67 14.95 -13.15
N GLN B 98 -30.00 16.19 -13.49
CA GLN B 98 -29.01 17.26 -13.60
C GLN B 98 -29.30 18.39 -12.63
N HIS B 99 -29.71 18.02 -11.43
CA HIS B 99 -30.03 19.01 -10.43
C HIS B 99 -28.78 19.72 -9.94
N PHE B 100 -28.90 21.02 -9.72
CA PHE B 100 -27.78 21.82 -9.25
C PHE B 100 -28.31 22.83 -8.25
N SER B 101 -27.47 23.13 -7.26
CA SER B 101 -27.69 24.15 -6.24
C SER B 101 -26.38 24.35 -5.49
N MET B 102 -26.12 25.58 -5.07
CA MET B 102 -24.88 25.93 -4.39
C MET B 102 -25.22 26.66 -3.09
N ASN B 103 -24.81 26.10 -1.95
CA ASN B 103 -24.94 26.82 -0.68
C ASN B 103 -23.81 27.85 -0.59
N GLU B 104 -24.18 29.14 -0.63
CA GLU B 104 -23.19 30.22 -0.55
C GLU B 104 -22.35 30.13 0.72
N THR B 105 -23.01 29.84 1.84
CA THR B 105 -22.35 29.71 3.13
C THR B 105 -21.20 28.71 3.10
N SER B 106 -21.48 27.46 2.74
CA SER B 106 -20.47 26.42 2.77
C SER B 106 -19.72 26.26 1.45
N TRP B 107 -20.19 26.88 0.37
CA TRP B 107 -19.65 26.59 -0.96
C TRP B 107 -19.53 25.09 -1.19
N THR B 108 -20.52 24.36 -0.70
CA THR B 108 -20.72 22.97 -1.08
C THR B 108 -21.88 22.90 -2.06
N ALA B 109 -21.69 22.14 -3.15
CA ALA B 109 -22.69 22.02 -4.21
C ALA B 109 -23.33 20.64 -4.17
N ARG B 110 -24.59 20.58 -4.59
CA ARG B 110 -25.37 19.35 -4.58
C ARG B 110 -25.87 19.08 -5.99
N LEU B 111 -25.26 18.12 -6.65
CA LEU B 111 -25.51 17.85 -8.05
C LEU B 111 -26.17 16.50 -8.25
N GLY B 112 -26.68 16.29 -9.45
CA GLY B 112 -27.15 14.99 -9.83
C GLY B 112 -26.16 14.39 -10.80
N PRO B 113 -26.21 13.05 -10.97
CA PRO B 113 -25.20 12.37 -11.80
C PRO B 113 -25.22 12.78 -13.26
N GLY B 114 -26.36 13.19 -13.82
CA GLY B 114 -26.41 13.50 -15.24
C GLY B 114 -25.52 14.64 -15.69
N ASN B 115 -25.11 15.52 -14.77
CA ASN B 115 -24.36 16.73 -15.09
C ASN B 115 -23.04 16.42 -15.79
N ARG B 116 -22.87 16.82 -17.06
CA ARG B 116 -21.52 16.62 -17.62
C ARG B 116 -20.53 17.60 -17.01
N LEU B 117 -19.24 17.31 -17.18
CA LEU B 117 -18.21 18.13 -16.55
C LEU B 117 -18.33 19.59 -16.98
N GLY B 118 -18.48 19.83 -18.29
CA GLY B 118 -18.77 21.17 -18.75
C GLY B 118 -19.81 21.93 -17.92
N ARG B 119 -21.06 21.47 -17.98
CA ARG B 119 -22.08 22.11 -17.18
C ARG B 119 -21.65 22.25 -15.72
N VAL B 120 -20.87 21.30 -15.17
CA VAL B 120 -20.50 21.39 -13.76
C VAL B 120 -19.51 22.54 -13.56
N THR B 121 -18.46 22.58 -14.39
CA THR B 121 -17.48 23.68 -14.36
C THR B 121 -18.17 25.05 -14.33
N GLU B 122 -18.90 25.34 -15.40
CA GLU B 122 -19.72 26.54 -15.56
C GLU B 122 -20.60 26.85 -14.34
N LEU B 123 -21.57 25.98 -14.03
CA LEU B 123 -22.48 26.26 -12.91
C LEU B 123 -21.74 26.57 -11.61
N MET B 124 -20.52 26.06 -11.43
CA MET B 124 -19.80 26.35 -10.19
C MET B 124 -19.19 27.75 -10.23
N TYR B 125 -18.40 28.05 -11.27
CA TYR B 125 -17.91 29.40 -11.52
C TYR B 125 -19.02 30.44 -11.36
N ASN B 126 -20.11 30.29 -12.12
CA ASN B 126 -21.18 31.29 -12.11
C ASN B 126 -21.80 31.49 -10.75
N ASN B 127 -21.95 30.45 -9.93
CA ASN B 127 -22.56 30.62 -8.61
C ASN B 127 -21.53 30.79 -7.50
N GLY B 128 -20.64 31.76 -7.69
CA GLY B 128 -19.65 32.06 -6.68
C GLY B 128 -18.21 31.75 -7.05
N GLY B 129 -17.86 31.79 -8.32
CA GLY B 129 -16.47 31.60 -8.70
C GLY B 129 -15.77 30.43 -8.02
N ARG B 130 -16.43 29.27 -8.04
CA ARG B 130 -15.95 28.02 -7.46
C ARG B 130 -15.57 27.05 -8.57
N HIS B 131 -14.75 26.06 -8.21
CA HIS B 131 -14.45 24.94 -9.07
C HIS B 131 -14.19 23.72 -8.21
N VAL B 132 -13.75 22.64 -8.86
CA VAL B 132 -13.47 21.41 -8.14
C VAL B 132 -12.70 20.48 -9.06
N PRO B 133 -11.52 20.02 -8.64
CA PRO B 133 -10.64 19.25 -9.54
C PRO B 133 -11.38 18.18 -10.33
N HIS B 134 -11.08 18.09 -11.61
CA HIS B 134 -11.72 17.06 -12.41
C HIS B 134 -11.09 17.03 -13.79
N GLY B 135 -11.43 15.96 -14.51
CA GLY B 135 -11.00 15.65 -15.86
C GLY B 135 -11.18 16.83 -16.78
N THR B 136 -10.33 16.95 -17.78
CA THR B 136 -10.45 18.12 -18.64
C THR B 136 -11.61 18.03 -19.62
N THR B 137 -11.99 16.82 -20.06
CA THR B 137 -12.98 16.71 -21.13
C THR B 137 -14.39 16.96 -20.60
N PHE B 138 -15.14 17.84 -21.28
CA PHE B 138 -16.40 18.37 -20.74
C PHE B 138 -17.58 17.44 -20.94
N THR B 139 -17.49 16.50 -21.89
CA THR B 139 -18.54 15.53 -22.21
C THR B 139 -18.60 14.37 -21.23
N VAL B 140 -17.61 14.28 -20.34
CA VAL B 140 -17.65 13.27 -19.28
C VAL B 140 -18.73 13.61 -18.27
N GLY B 141 -19.48 12.58 -17.87
CA GLY B 141 -20.54 12.76 -16.89
C GLY B 141 -20.03 12.57 -15.48
N LEU B 142 -20.49 13.44 -14.58
CA LEU B 142 -20.20 13.32 -13.16
C LEU B 142 -20.51 11.91 -12.63
N GLY B 143 -21.58 11.29 -13.11
CA GLY B 143 -22.00 10.00 -12.61
C GLY B 143 -20.91 8.95 -12.51
N GLY B 144 -20.42 8.48 -13.65
CA GLY B 144 -19.30 7.56 -13.71
C GLY B 144 -17.96 8.27 -13.78
N HIS B 145 -17.84 9.42 -13.11
CA HIS B 145 -16.58 10.15 -13.01
C HIS B 145 -16.20 10.26 -11.54
N ALA B 146 -16.81 11.17 -10.79
CA ALA B 146 -16.66 11.22 -9.34
C ALA B 146 -16.77 9.85 -8.65
N THR B 147 -17.23 8.81 -9.36
CA THR B 147 -17.19 7.48 -8.76
C THR B 147 -15.94 6.69 -9.13
N VAL B 148 -15.35 6.88 -10.31
CA VAL B 148 -14.08 6.22 -10.61
C VAL B 148 -12.86 6.99 -10.06
N GLY B 149 -13.00 8.28 -9.74
CA GLY B 149 -11.91 9.06 -9.18
C GLY B 149 -11.82 10.50 -9.67
N GLY B 150 -11.47 10.67 -10.95
CA GLY B 150 -11.59 11.96 -11.62
C GLY B 150 -10.46 12.94 -11.41
N ALA B 151 -9.51 12.94 -12.34
CA ALA B 151 -8.28 13.69 -12.22
C ALA B 151 -8.06 14.56 -13.45
N GLY B 152 -7.67 15.79 -13.20
CA GLY B 152 -7.35 16.71 -14.28
C GLY B 152 -6.45 17.79 -13.75
N ALA B 153 -6.54 18.97 -14.36
CA ALA B 153 -5.56 20.04 -14.16
C ALA B 153 -5.23 20.30 -12.68
N ALA B 154 -6.23 20.47 -11.82
CA ALA B 154 -5.99 20.97 -10.46
C ALA B 154 -5.78 19.86 -9.42
N SER B 155 -5.55 18.61 -9.87
CA SER B 155 -5.46 17.49 -8.93
C SER B 155 -4.18 17.54 -8.08
N ARG B 156 -2.99 17.69 -8.72
CA ARG B 156 -1.72 17.81 -7.98
C ARG B 156 -1.68 19.06 -7.08
N MET B 157 -2.72 19.88 -7.11
CA MET B 157 -2.82 21.06 -6.26
C MET B 157 -4.02 21.01 -5.33
N HIS B 158 -5.05 20.24 -5.65
CA HIS B 158 -6.22 20.19 -4.80
C HIS B 158 -6.69 18.78 -4.50
N GLY B 159 -6.34 17.80 -5.33
CA GLY B 159 -6.70 16.41 -5.11
C GLY B 159 -7.59 15.86 -6.21
N LEU B 160 -7.99 14.60 -6.03
CA LEU B 160 -8.99 14.04 -6.93
C LEU B 160 -10.35 14.68 -6.70
N LEU B 161 -11.21 14.55 -7.72
CA LEU B 161 -12.61 14.95 -7.56
C LEU B 161 -13.19 14.35 -6.28
N LEU B 162 -13.06 13.03 -6.11
CA LEU B 162 -13.73 12.32 -5.03
C LEU B 162 -13.19 12.72 -3.66
N ASP B 163 -12.09 13.44 -3.61
CA ASP B 163 -11.60 13.95 -2.35
C ASP B 163 -12.41 15.19 -1.91
N TYR B 164 -13.42 15.56 -2.68
CA TYR B 164 -14.32 16.65 -2.31
C TYR B 164 -15.77 16.22 -2.14
N VAL B 165 -16.16 15.08 -2.72
CA VAL B 165 -17.46 14.49 -2.45
C VAL B 165 -17.62 14.26 -0.96
N GLU B 166 -18.64 14.86 -0.41
CA GLU B 166 -18.88 14.81 1.03
C GLU B 166 -19.86 13.67 1.30
N GLU B 167 -21.09 13.83 0.83
CA GLU B 167 -22.19 12.91 1.07
C GLU B 167 -22.67 12.34 -0.27
N VAL B 168 -23.45 11.25 -0.23
CA VAL B 168 -24.09 10.73 -1.43
C VAL B 168 -25.47 10.15 -1.12
N GLU B 169 -26.30 10.10 -2.17
CA GLU B 169 -27.56 9.36 -2.19
C GLU B 169 -27.43 8.19 -3.14
N VAL B 170 -27.81 6.99 -2.69
CA VAL B 170 -27.49 5.77 -3.40
C VAL B 170 -28.70 4.87 -3.43
N VAL B 171 -28.95 4.30 -4.60
CA VAL B 171 -29.96 3.28 -4.77
C VAL B 171 -29.23 1.93 -4.69
N LEU B 172 -29.39 1.22 -3.57
CA LEU B 172 -28.85 -0.11 -3.36
C LEU B 172 -29.63 -1.13 -4.17
N ALA B 173 -28.98 -2.25 -4.52
CA ALA B 173 -29.58 -3.22 -5.42
C ALA B 173 -30.88 -3.86 -4.90
N ASN B 174 -31.25 -3.68 -3.61
CA ASN B 174 -32.56 -4.07 -3.07
C ASN B 174 -33.57 -2.94 -3.14
N SER B 175 -33.26 -1.92 -3.94
CA SER B 175 -34.03 -0.71 -4.21
C SER B 175 -34.20 0.19 -2.99
N SER B 176 -33.58 -0.13 -1.85
CA SER B 176 -33.55 0.83 -0.74
C SER B 176 -32.69 2.04 -1.12
N ILE B 177 -33.09 3.21 -0.63
CA ILE B 177 -32.40 4.48 -0.92
C ILE B 177 -31.72 4.95 0.34
N VAL B 178 -30.40 5.00 0.32
CA VAL B 178 -29.61 5.31 1.51
C VAL B 178 -28.62 6.39 1.15
N ARG B 179 -28.23 7.17 2.15
CA ARG B 179 -27.18 8.17 2.08
C ARG B 179 -25.89 7.59 2.66
N ALA B 180 -24.77 8.24 2.34
CA ALA B 180 -23.46 7.75 2.80
C ALA B 180 -22.46 8.89 2.90
N SER B 181 -21.45 8.69 3.73
CA SER B 181 -20.48 9.72 4.03
C SER B 181 -19.31 9.08 4.76
N LYS B 182 -18.41 9.93 5.28
CA LYS B 182 -17.32 9.44 6.10
C LYS B 182 -17.85 8.92 7.44
N SER B 183 -18.93 9.50 7.93
CA SER B 183 -19.48 9.12 9.23
C SER B 183 -20.89 8.53 9.12
N HIS B 184 -21.09 7.61 8.18
CA HIS B 184 -22.40 7.03 7.89
C HIS B 184 -22.25 6.02 6.75
N ASN B 185 -22.89 4.85 6.88
CA ASN B 185 -22.68 3.69 6.00
C ASN B 185 -21.30 3.71 5.38
N GLU B 186 -20.27 3.95 6.22
CA GLU B 186 -18.94 4.25 5.69
C GLU B 186 -18.43 3.14 4.80
N ASP B 187 -18.64 1.88 5.19
CA ASP B 187 -18.25 0.78 4.31
C ASP B 187 -18.77 1.00 2.88
N LEU B 188 -19.92 1.68 2.74
CA LEU B 188 -20.45 1.98 1.41
C LEU B 188 -19.72 3.15 0.78
N PHE B 189 -19.72 4.30 1.46
CA PHE B 189 -19.03 5.49 0.99
C PHE B 189 -17.66 5.16 0.39
N PHE B 190 -16.90 4.30 1.06
CA PHE B 190 -15.63 3.81 0.50
C PHE B 190 -15.80 3.28 -0.93
N ALA B 191 -16.76 2.37 -1.16
CA ALA B 191 -16.89 1.74 -2.48
C ALA B 191 -17.46 2.68 -3.55
N VAL B 192 -18.29 3.64 -3.11
CA VAL B 192 -18.85 4.64 -4.00
C VAL B 192 -17.74 5.48 -4.61
N ARG B 193 -16.73 5.81 -3.80
CA ARG B 193 -15.56 6.60 -4.17
C ARG B 193 -14.43 5.75 -4.77
N GLY B 194 -14.76 4.93 -5.76
CA GLY B 194 -13.74 4.09 -6.36
C GLY B 194 -14.36 3.11 -7.30
N ALA B 195 -15.47 2.51 -6.92
CA ALA B 195 -16.11 1.52 -7.77
C ALA B 195 -17.62 1.52 -7.47
N ALA B 196 -18.19 2.72 -7.45
CA ALA B 196 -19.64 2.84 -7.48
C ALA B 196 -20.21 1.91 -8.55
N SER B 197 -19.56 1.80 -9.70
CA SER B 197 -20.09 1.00 -10.81
C SER B 197 -20.60 -0.35 -10.30
N SER B 198 -20.06 -0.77 -9.17
CA SER B 198 -20.21 -2.15 -8.70
C SER B 198 -21.23 -2.29 -7.58
N VAL B 199 -21.49 -1.25 -6.81
CA VAL B 199 -22.24 -1.41 -5.56
C VAL B 199 -23.57 -0.65 -5.48
N GLY B 200 -23.84 0.34 -6.33
CA GLY B 200 -25.11 1.04 -6.29
C GLY B 200 -25.20 2.08 -7.38
N ILE B 201 -26.39 2.71 -7.48
CA ILE B 201 -26.58 3.88 -8.33
C ILE B 201 -26.64 5.12 -7.46
N VAL B 202 -25.72 6.05 -7.71
CA VAL B 202 -25.73 7.31 -6.99
C VAL B 202 -26.66 8.25 -7.71
N THR B 203 -27.54 8.91 -6.97
CA THR B 203 -28.57 9.76 -7.56
C THR B 203 -28.47 11.20 -7.07
N ASP B 204 -27.42 11.54 -6.30
CA ASP B 204 -27.17 12.87 -5.75
C ASP B 204 -25.76 12.89 -5.17
N PHE B 205 -25.03 13.97 -5.45
CA PHE B 205 -23.70 14.21 -4.89
C PHE B 205 -23.73 15.47 -4.02
N SER B 206 -22.84 15.53 -3.03
CA SER B 206 -22.65 16.74 -2.23
C SER B 206 -21.17 17.05 -2.33
N ILE B 207 -20.78 17.90 -3.25
CA ILE B 207 -19.36 18.17 -3.45
C ILE B 207 -19.03 19.53 -2.85
N ARG B 208 -17.98 19.57 -2.03
CA ARG B 208 -17.39 20.85 -1.63
C ARG B 208 -16.66 21.47 -2.80
N THR B 209 -16.49 22.78 -2.74
CA THR B 209 -15.76 23.47 -3.80
C THR B 209 -14.68 24.36 -3.22
N GLU B 210 -13.62 24.49 -3.97
CA GLU B 210 -12.64 25.54 -3.77
C GLU B 210 -13.07 26.80 -4.50
N PRO B 211 -12.50 27.94 -4.16
CA PRO B 211 -12.63 29.10 -5.03
C PRO B 211 -11.66 28.97 -6.20
N VAL B 212 -11.96 29.72 -7.25
CA VAL B 212 -11.27 29.58 -8.54
C VAL B 212 -9.92 30.28 -8.46
N PRO B 213 -8.89 29.78 -9.16
CA PRO B 213 -7.58 30.46 -9.10
C PRO B 213 -7.59 31.70 -9.96
N VAL B 214 -6.98 32.76 -9.43
CA VAL B 214 -7.05 34.07 -10.08
C VAL B 214 -6.26 34.11 -11.36
N SER B 215 -5.30 33.21 -11.54
CA SER B 215 -4.51 33.18 -12.76
C SER B 215 -4.17 31.74 -13.10
N SER B 216 -4.53 31.35 -14.31
CA SER B 216 -4.19 30.05 -14.85
C SER B 216 -3.32 30.28 -16.07
N VAL B 217 -2.34 29.41 -16.28
CA VAL B 217 -1.33 29.66 -17.31
C VAL B 217 -1.11 28.43 -18.18
N THR B 218 -2.04 28.15 -19.09
CA THR B 218 -1.82 27.05 -20.01
C THR B 218 -0.49 27.23 -20.75
N TYR B 219 0.07 26.12 -21.22
CA TYR B 219 1.36 26.15 -21.88
C TYR B 219 1.52 24.90 -22.73
N SER B 220 2.52 24.93 -23.60
CA SER B 220 2.78 23.80 -24.48
C SER B 220 4.12 23.96 -25.17
N TYR B 221 4.79 22.83 -25.39
CA TYR B 221 6.10 22.72 -26.02
C TYR B 221 6.05 21.51 -26.93
N ILE B 222 6.48 21.66 -28.18
CA ILE B 222 6.25 20.63 -29.17
C ILE B 222 7.57 20.25 -29.82
N TRP B 223 7.77 18.96 -30.03
CA TRP B 223 8.99 18.43 -30.63
C TRP B 223 8.59 17.65 -31.86
N GLU B 224 8.42 18.35 -32.97
CA GLU B 224 8.11 17.64 -34.18
C GLU B 224 9.29 16.75 -34.56
N GLY B 225 8.99 15.65 -35.26
CA GLY B 225 10.03 14.69 -35.59
C GLY B 225 9.83 13.25 -35.14
N THR B 226 10.29 12.34 -35.99
CA THR B 226 10.04 10.93 -35.84
C THR B 226 11.26 10.18 -35.34
N ASP B 227 12.33 10.86 -35.01
CA ASP B 227 13.47 10.11 -34.57
C ASP B 227 13.20 9.47 -33.21
N PRO B 228 13.18 8.12 -33.12
CA PRO B 228 12.81 7.48 -31.84
C PRO B 228 13.76 7.78 -30.71
N ALA B 229 15.07 7.74 -30.96
CA ALA B 229 15.99 8.15 -29.91
C ALA B 229 15.73 9.59 -29.52
N ALA B 230 15.55 10.46 -30.52
CA ALA B 230 15.29 11.87 -30.25
C ALA B 230 14.10 12.05 -29.33
N ARG B 231 13.04 11.27 -29.59
CA ARG B 231 11.83 11.31 -28.77
C ARG B 231 12.10 10.71 -27.39
N ALA B 232 12.62 9.47 -27.37
CA ALA B 232 12.97 8.80 -26.13
C ALA B 232 13.77 9.72 -25.21
N GLU B 233 14.76 10.40 -25.76
CA GLU B 233 15.45 11.44 -25.01
C GLU B 233 14.41 12.37 -24.38
N VAL B 234 13.49 12.88 -25.20
CA VAL B 234 12.44 13.79 -24.71
C VAL B 234 11.82 13.24 -23.44
N PHE B 235 11.34 12.00 -23.53
CA PHE B 235 10.58 11.38 -22.46
C PHE B 235 11.43 11.11 -21.22
N LEU B 236 12.60 10.48 -21.41
CA LEU B 236 13.43 10.10 -20.28
C LEU B 236 13.89 11.34 -19.51
N THR B 237 13.98 12.48 -20.21
CA THR B 237 14.15 13.76 -19.54
C THR B 237 12.89 14.15 -18.81
N TRP B 238 11.76 13.77 -19.38
CA TRP B 238 10.46 14.09 -18.80
C TRP B 238 10.22 13.25 -17.56
N GLN B 239 10.46 11.92 -17.65
CA GLN B 239 10.42 11.03 -16.49
C GLN B 239 11.38 11.53 -15.42
N SER B 240 12.61 11.85 -15.81
CA SER B 240 13.61 12.29 -14.84
C SER B 240 13.29 13.66 -14.26
N LEU B 241 12.65 14.53 -15.03
CA LEU B 241 12.33 15.87 -14.53
C LEU B 241 11.27 15.82 -13.45
N LEU B 242 10.29 14.90 -13.58
CA LEU B 242 9.21 14.78 -12.59
C LEU B 242 9.73 14.21 -11.28
N ALA B 243 10.42 13.06 -11.36
CA ALA B 243 10.95 12.38 -10.18
C ALA B 243 11.89 13.27 -9.36
N GLY B 244 12.52 14.29 -9.96
CA GLY B 244 13.38 15.17 -9.21
C GLY B 244 12.71 15.84 -8.02
N GLY B 245 11.38 15.85 -7.99
CA GLY B 245 10.71 16.61 -6.94
C GLY B 245 11.00 18.08 -7.05
N SER B 246 11.48 18.50 -8.22
CA SER B 246 11.83 19.88 -8.51
C SER B 246 10.61 20.74 -8.79
N LEU B 247 9.58 20.13 -9.40
CA LEU B 247 8.47 20.85 -9.99
C LEU B 247 7.60 21.47 -8.90
N PRO B 248 6.80 22.48 -9.23
CA PRO B 248 5.88 23.05 -8.25
C PRO B 248 4.74 22.08 -7.89
N GLN B 249 4.03 22.42 -6.81
CA GLN B 249 2.88 21.61 -6.45
C GLN B 249 1.69 21.97 -7.32
N HIS B 250 1.49 23.27 -7.54
CA HIS B 250 0.33 23.80 -8.26
C HIS B 250 0.66 23.95 -9.74
N MET B 251 0.78 22.80 -10.42
CA MET B 251 1.16 22.83 -11.82
C MET B 251 1.08 21.43 -12.40
N ALA B 252 0.24 21.23 -13.42
CA ALA B 252 0.13 19.93 -14.06
C ALA B 252 1.19 19.79 -15.14
N TYR B 253 1.44 18.56 -15.55
CA TYR B 253 2.65 18.27 -16.30
C TYR B 253 2.32 17.06 -17.19
N ASP B 254 1.79 17.34 -18.37
CA ASP B 254 1.47 16.25 -19.26
C ASP B 254 2.65 15.99 -20.18
N LEU B 255 2.51 14.98 -21.02
CA LEU B 255 3.42 14.80 -22.12
C LEU B 255 2.81 13.79 -23.05
N VAL B 256 2.43 14.21 -24.23
CA VAL B 256 1.79 13.31 -25.17
C VAL B 256 2.77 13.01 -26.28
N ALA B 257 2.59 11.88 -26.95
CA ALA B 257 3.50 11.42 -27.99
C ALA B 257 2.73 10.85 -29.16
N THR B 258 2.93 11.39 -30.34
CA THR B 258 2.27 10.82 -31.50
C THR B 258 3.32 10.43 -32.55
N ALA B 259 2.82 10.18 -33.76
CA ALA B 259 3.67 9.65 -34.82
C ALA B 259 4.80 10.59 -35.19
N ASN B 260 4.70 11.89 -34.86
CA ASN B 260 5.82 12.83 -35.03
C ASN B 260 5.62 14.09 -34.19
N SER B 261 5.76 13.96 -32.87
CA SER B 261 5.73 15.10 -31.96
C SER B 261 5.69 14.60 -30.52
N MET B 262 6.24 15.40 -29.61
CA MET B 262 6.29 15.10 -28.18
C MET B 262 5.79 16.34 -27.47
N ILE B 263 4.48 16.47 -27.39
CA ILE B 263 3.90 17.69 -26.83
C ILE B 263 3.98 17.62 -25.31
N LEU B 264 4.53 18.66 -24.70
CA LEU B 264 4.65 18.77 -23.25
C LEU B 264 3.58 19.71 -22.73
N GLY B 265 2.41 19.16 -22.40
CA GLY B 265 1.31 19.99 -21.96
C GLY B 265 1.33 20.28 -20.46
N GLY B 266 0.48 21.21 -20.06
CA GLY B 266 0.27 21.48 -18.66
C GLY B 266 -0.42 22.81 -18.45
N ALA B 267 -0.69 23.08 -17.18
CA ALA B 267 -1.19 24.35 -16.71
C ALA B 267 -0.31 24.79 -15.54
N TYR B 268 -0.57 25.99 -15.02
CA TYR B 268 0.14 26.55 -13.88
C TYR B 268 -0.74 27.57 -13.19
N PHE B 269 -0.81 27.51 -11.87
CA PHE B 269 -1.72 28.37 -11.12
C PHE B 269 -0.92 29.42 -10.38
N GLY B 270 -0.98 30.65 -10.89
CA GLY B 270 -0.16 31.78 -10.53
C GLY B 270 0.07 32.65 -11.75
N SER B 271 1.09 33.51 -11.69
CA SER B 271 1.34 34.49 -12.74
C SER B 271 2.29 33.94 -13.81
N GLN B 272 2.22 34.56 -14.99
CA GLN B 272 2.98 34.05 -16.13
C GLN B 272 4.48 34.23 -15.94
N GLU B 273 4.91 35.40 -15.46
CA GLU B 273 6.34 35.66 -15.22
C GLU B 273 6.98 34.44 -14.59
N ASP B 274 6.28 33.86 -13.63
CA ASP B 274 6.84 32.80 -12.82
C ASP B 274 7.04 31.53 -13.63
N PHE B 275 5.99 31.09 -14.33
CA PHE B 275 6.12 29.87 -15.10
C PHE B 275 7.27 29.96 -16.10
N GLU B 276 7.42 31.11 -16.75
CA GLU B 276 8.60 31.36 -17.57
C GLU B 276 9.84 31.43 -16.70
N ALA B 277 9.75 32.21 -15.60
CA ALA B 277 10.80 32.20 -14.58
C ALA B 277 11.30 30.79 -14.39
N PHE B 278 10.41 29.86 -14.09
CA PHE B 278 10.86 28.49 -13.87
C PHE B 278 11.57 27.91 -15.08
N ASN B 279 11.33 28.45 -16.28
CA ASN B 279 12.03 27.99 -17.48
C ASN B 279 11.90 26.47 -17.64
N LEU B 280 10.65 26.00 -17.56
CA LEU B 280 10.42 24.58 -17.73
C LEU B 280 11.25 24.03 -18.89
N SER B 281 11.29 24.77 -19.99
CA SER B 281 11.97 24.28 -21.18
C SER B 281 13.45 24.02 -20.90
N SER B 282 14.08 24.87 -20.09
CA SER B 282 15.53 24.80 -19.93
C SER B 282 15.99 23.38 -19.63
N HIS B 283 15.37 22.72 -18.66
CA HIS B 283 15.92 21.47 -18.17
C HIS B 283 16.10 20.43 -19.26
N PHE B 284 15.56 20.65 -20.46
CA PHE B 284 15.59 19.67 -21.54
C PHE B 284 16.85 19.85 -22.41
N LYS B 285 17.20 18.78 -23.16
CA LYS B 285 18.40 18.77 -23.98
C LYS B 285 18.20 19.53 -25.30
N VAL B 286 17.63 18.88 -26.32
CA VAL B 286 17.23 19.58 -27.53
C VAL B 286 16.06 20.51 -27.19
N ALA B 287 16.19 21.79 -27.55
CA ALA B 287 15.12 22.73 -27.26
C ALA B 287 13.95 22.55 -28.23
N PRO B 288 12.74 23.02 -27.83
CA PRO B 288 11.52 22.60 -28.52
C PRO B 288 11.21 23.41 -29.78
N ASP B 289 10.89 22.71 -30.89
CA ASP B 289 10.55 23.38 -32.15
C ASP B 289 9.55 24.53 -31.99
N VAL B 290 8.67 24.49 -30.97
CA VAL B 290 7.53 25.41 -30.84
C VAL B 290 7.12 25.57 -29.37
N THR B 291 6.33 26.62 -29.09
CA THR B 291 5.95 27.00 -27.72
C THR B 291 4.69 27.87 -27.73
N HIS B 292 3.83 27.68 -26.74
CA HIS B 292 2.71 28.58 -26.53
C HIS B 292 2.54 28.73 -25.03
N ILE B 293 2.03 29.89 -24.60
CA ILE B 293 1.79 30.17 -23.19
C ILE B 293 0.71 31.24 -23.04
N LYS B 294 -0.54 30.82 -22.97
CA LYS B 294 -1.64 31.77 -22.87
C LYS B 294 -2.07 31.85 -21.41
N THR B 295 -2.49 33.01 -21.00
CA THR B 295 -2.84 33.22 -19.61
C THR B 295 -4.32 33.55 -19.49
N TYR B 296 -5.04 32.69 -18.79
CA TYR B 296 -6.46 32.85 -18.53
C TYR B 296 -6.67 33.36 -17.12
N THR B 297 -7.19 34.56 -17.00
CA THR B 297 -7.71 35.00 -15.70
C THR B 297 -9.03 34.29 -15.42
N ASN B 298 -10.00 34.43 -16.34
CA ASN B 298 -11.24 33.66 -16.32
C ASN B 298 -10.90 32.18 -16.38
N PHE B 299 -11.35 31.44 -15.35
CA PHE B 299 -11.04 30.01 -15.19
C PHE B 299 -11.90 29.16 -16.13
N PHE B 300 -13.20 29.48 -16.22
CA PHE B 300 -14.08 28.72 -17.10
C PHE B 300 -13.58 28.75 -18.54
N ASP B 301 -13.18 29.94 -19.00
CA ASP B 301 -12.56 30.04 -20.32
C ASP B 301 -11.37 29.10 -20.41
N PHE B 302 -10.61 29.00 -19.31
CA PHE B 302 -9.45 28.11 -19.26
C PHE B 302 -9.86 26.65 -19.34
N SER B 303 -10.82 26.23 -18.52
CA SER B 303 -11.31 24.86 -18.64
C SER B 303 -11.88 24.60 -20.02
N ALA B 304 -12.53 25.61 -20.61
CA ALA B 304 -13.30 25.34 -21.81
C ALA B 304 -12.42 25.26 -23.03
N ALA B 305 -11.31 25.99 -23.04
CA ALA B 305 -10.36 25.77 -24.11
C ALA B 305 -9.72 24.41 -23.96
N ALA B 306 -9.33 24.05 -22.73
CA ALA B 306 -8.68 22.77 -22.47
C ALA B 306 -9.52 21.60 -22.97
N SER B 307 -10.74 21.45 -22.45
CA SER B 307 -11.67 20.46 -23.00
C SER B 307 -11.68 20.49 -24.51
N ALA B 308 -11.99 21.65 -25.06
CA ALA B 308 -12.11 21.80 -26.50
C ALA B 308 -10.83 21.38 -27.20
N GLN B 309 -9.67 21.56 -26.57
CA GLN B 309 -8.46 21.15 -27.26
C GLN B 309 -8.41 19.63 -27.36
N THR B 310 -8.65 18.91 -26.26
CA THR B 310 -8.62 17.45 -26.34
C THR B 310 -9.53 16.96 -27.46
N LYS B 311 -10.71 17.60 -27.65
CA LYS B 311 -11.61 17.17 -28.72
C LYS B 311 -10.92 17.27 -30.08
N ALA B 312 -10.26 18.40 -30.35
CA ALA B 312 -9.60 18.59 -31.63
C ALA B 312 -8.40 17.70 -31.76
N ALA B 313 -7.85 17.28 -30.61
CA ALA B 313 -6.79 16.27 -30.57
C ALA B 313 -7.17 15.05 -31.39
N GLY B 314 -8.44 14.65 -31.33
CA GLY B 314 -8.97 13.54 -32.07
C GLY B 314 -9.26 12.33 -31.23
N ILE B 315 -8.82 12.35 -29.97
CA ILE B 315 -8.95 11.22 -29.07
C ILE B 315 -10.31 11.21 -28.39
N ALA B 316 -10.83 12.38 -28.03
CA ALA B 316 -11.85 12.41 -26.99
C ALA B 316 -13.26 12.34 -27.56
N SER B 317 -13.48 11.57 -28.63
CA SER B 317 -14.75 11.46 -29.35
C SER B 317 -15.15 9.99 -29.50
N PRO B 318 -16.44 9.72 -29.66
CA PRO B 318 -16.86 8.37 -30.04
C PRO B 318 -16.23 7.93 -31.34
N SER B 319 -15.90 6.65 -31.44
CA SER B 319 -15.09 6.24 -32.57
C SER B 319 -14.82 4.73 -32.51
N HIS B 320 -14.27 4.24 -33.61
CA HIS B 320 -13.61 2.95 -33.64
C HIS B 320 -12.21 3.14 -33.03
N PHE B 321 -11.91 2.44 -31.96
CA PHE B 321 -10.65 2.67 -31.25
C PHE B 321 -10.42 1.52 -30.26
N TYR B 322 -9.22 1.51 -29.65
CA TYR B 322 -8.88 0.61 -28.57
C TYR B 322 -7.87 1.34 -27.72
N ALA B 323 -7.79 1.00 -26.43
CA ALA B 323 -7.07 1.90 -25.54
C ALA B 323 -6.93 1.25 -24.16
N LYS B 324 -5.85 1.61 -23.48
CA LYS B 324 -5.36 0.87 -22.32
C LYS B 324 -4.60 1.84 -21.44
N SER B 325 -4.23 1.37 -20.26
CA SER B 325 -3.57 2.22 -19.29
C SER B 325 -2.57 1.38 -18.50
N LEU B 326 -1.79 2.09 -17.67
CA LEU B 326 -0.74 1.56 -16.81
C LEU B 326 -0.39 2.66 -15.82
N VAL B 327 -0.19 2.32 -14.56
CA VAL B 327 0.28 3.31 -13.58
C VAL B 327 1.76 3.06 -13.33
N PHE B 328 2.46 4.12 -12.91
CA PHE B 328 3.91 4.08 -12.71
C PHE B 328 4.25 4.95 -11.51
N ASN B 329 5.46 4.76 -11.01
CA ASN B 329 5.83 5.13 -9.65
C ASN B 329 7.34 4.99 -9.51
N GLN B 330 7.90 5.64 -8.47
CA GLN B 330 9.35 5.71 -8.25
C GLN B 330 10.00 4.37 -8.58
N GLN B 331 9.30 3.26 -8.29
CA GLN B 331 9.90 1.92 -8.33
C GLN B 331 9.87 1.28 -9.73
N THR B 332 8.87 1.59 -10.59
CA THR B 332 8.89 1.06 -11.95
C THR B 332 9.15 2.16 -12.99
N LEU B 333 9.62 3.34 -12.55
CA LEU B 333 10.06 4.45 -13.42
C LEU B 333 10.85 3.91 -14.62
N ILE B 334 10.27 3.95 -15.82
CA ILE B 334 10.77 3.06 -16.90
C ILE B 334 12.25 3.28 -17.14
N PRO B 335 13.00 2.23 -17.47
CA PRO B 335 14.45 2.36 -17.60
C PRO B 335 14.82 2.95 -18.95
N ASP B 336 16.07 3.39 -19.02
CA ASP B 336 16.53 4.05 -20.24
C ASP B 336 16.65 3.04 -21.37
N ASP B 337 17.08 1.80 -21.04
CA ASP B 337 17.29 0.77 -22.06
C ASP B 337 16.00 0.46 -22.81
N ALA B 338 14.92 0.15 -22.07
CA ALA B 338 13.64 -0.19 -22.69
C ALA B 338 12.99 1.04 -23.31
N ALA B 339 12.93 2.17 -22.58
CA ALA B 339 12.36 3.42 -23.07
C ALA B 339 12.67 3.64 -24.55
N GLU B 340 13.89 3.29 -24.96
CA GLU B 340 14.26 3.33 -26.36
C GLU B 340 13.44 2.33 -27.19
N GLU B 341 13.40 1.07 -26.76
CA GLU B 341 12.69 0.03 -27.51
C GLU B 341 11.26 0.46 -27.76
N VAL B 342 10.63 1.08 -26.77
CA VAL B 342 9.34 1.73 -26.87
C VAL B 342 9.20 2.46 -28.21
N PHE B 343 10.01 3.51 -28.36
CA PHE B 343 9.85 4.45 -29.46
C PHE B 343 10.30 3.80 -30.77
N LYS B 344 11.31 2.94 -30.70
CA LYS B 344 11.65 2.07 -31.82
C LYS B 344 10.46 1.18 -32.22
N TYR B 345 9.68 0.73 -31.22
CA TYR B 345 8.48 -0.08 -31.44
C TYR B 345 7.34 0.75 -32.03
N LEU B 346 7.12 1.95 -31.46
CA LEU B 346 6.18 2.90 -32.02
C LEU B 346 6.46 3.20 -33.47
N ALA B 347 7.72 3.53 -33.76
CA ALA B 347 8.27 3.86 -35.06
C ALA B 347 8.29 2.69 -36.05
N THR B 348 8.19 1.44 -35.59
CA THR B 348 8.44 0.26 -36.41
C THR B 348 7.29 -0.74 -36.51
N THR B 349 6.39 -0.79 -35.52
CA THR B 349 5.30 -1.77 -35.49
C THR B 349 4.12 -1.32 -36.34
N LYS B 350 3.64 -2.21 -37.22
CA LYS B 350 2.49 -1.90 -38.09
C LYS B 350 1.30 -1.52 -37.24
N ASN B 351 1.18 -0.24 -36.89
CA ASN B 351 0.23 0.14 -35.84
C ASN B 351 -1.24 0.00 -36.27
N GLY B 352 -1.52 -0.21 -37.57
CA GLY B 352 -2.89 -0.39 -38.03
C GLY B 352 -3.84 0.74 -37.71
N THR B 353 -3.34 1.85 -37.16
CA THR B 353 -4.18 2.99 -36.80
C THR B 353 -4.32 3.97 -37.98
N ASP B 354 -5.11 5.04 -37.73
CA ASP B 354 -4.94 6.31 -38.42
C ASP B 354 -4.56 7.43 -37.47
N LEU B 355 -4.53 7.18 -36.17
CA LEU B 355 -4.12 8.16 -35.19
C LEU B 355 -3.81 7.42 -33.90
N TYR B 356 -2.66 7.72 -33.27
CA TYR B 356 -2.27 7.05 -32.05
C TYR B 356 -1.64 8.09 -31.15
N ALA B 357 -1.70 7.85 -29.84
CA ALA B 357 -1.25 8.84 -28.87
C ALA B 357 -1.05 8.18 -27.51
N VAL B 358 -0.15 8.76 -26.73
CA VAL B 358 0.33 8.05 -25.55
C VAL B 358 0.58 9.02 -24.43
N THR B 359 -0.42 9.21 -23.59
CA THR B 359 -0.48 10.36 -22.69
C THR B 359 0.12 9.96 -21.34
N PHE B 360 1.27 10.53 -21.01
CA PHE B 360 1.80 10.49 -19.63
C PHE B 360 1.29 11.72 -18.88
N ALA B 361 0.76 11.50 -17.68
CA ALA B 361 0.24 12.63 -16.91
C ALA B 361 0.64 12.49 -15.44
N ALA B 362 1.19 13.56 -14.88
CA ALA B 362 1.67 13.53 -13.51
C ALA B 362 0.55 13.21 -12.54
N LEU B 363 0.92 12.84 -11.31
CA LEU B 363 -0.02 12.73 -10.20
C LEU B 363 0.59 13.33 -8.93
N GLY B 364 0.39 12.67 -7.79
CA GLY B 364 0.96 13.16 -6.53
C GLY B 364 0.49 14.56 -6.15
N GLY B 365 1.40 15.37 -5.65
CA GLY B 365 1.06 16.74 -5.28
C GLY B 365 0.15 16.84 -4.07
N ALA B 366 -1.13 16.50 -4.28
CA ALA B 366 -2.11 16.33 -3.21
C ALA B 366 -2.88 15.03 -3.32
N VAL B 367 -2.89 14.39 -4.48
CA VAL B 367 -3.37 13.03 -4.66
C VAL B 367 -2.85 12.10 -3.55
N ARG B 368 -1.71 12.46 -2.99
CA ARG B 368 -1.13 11.72 -1.87
C ARG B 368 -1.31 12.50 -0.56
N ASP B 369 -2.50 13.05 -0.31
CA ASP B 369 -2.95 13.41 1.04
C ASP B 369 -4.04 12.45 1.52
N VAL B 370 -4.22 11.35 0.81
CA VAL B 370 -5.33 10.42 1.02
C VAL B 370 -4.79 9.01 0.84
N SER B 371 -4.85 8.22 1.91
CA SER B 371 -4.33 6.86 1.93
C SER B 371 -5.07 5.96 0.93
N ALA B 372 -4.33 5.07 0.27
CA ALA B 372 -4.96 4.17 -0.70
C ALA B 372 -6.06 3.33 -0.10
N SER B 373 -6.12 3.22 1.23
CA SER B 373 -7.15 2.43 1.91
C SER B 373 -8.36 3.26 2.31
N GLU B 374 -8.30 4.58 2.14
CA GLU B 374 -9.31 5.53 2.56
C GLU B 374 -10.36 5.81 1.49
N THR B 375 -10.11 5.40 0.24
CA THR B 375 -11.07 5.46 -0.85
C THR B 375 -10.92 4.18 -1.63
N ALA B 376 -11.90 3.91 -2.48
CA ALA B 376 -11.79 2.69 -3.26
C ALA B 376 -10.69 2.87 -4.30
N PHE B 377 -10.10 4.07 -4.32
CA PHE B 377 -9.02 4.42 -5.24
C PHE B 377 -7.68 4.04 -4.62
N TYR B 378 -7.05 3.01 -5.18
CA TYR B 378 -5.88 2.42 -4.54
C TYR B 378 -4.56 2.89 -5.13
N HIS B 379 -4.54 3.32 -6.40
CA HIS B 379 -3.31 3.79 -7.04
C HIS B 379 -3.05 5.26 -6.70
N ARG B 380 -3.05 5.57 -5.39
CA ARG B 380 -2.84 6.92 -4.93
C ARG B 380 -1.37 7.30 -4.74
N ASP B 381 -0.47 6.33 -4.54
CA ASP B 381 0.99 6.59 -4.57
C ASP B 381 1.52 6.41 -5.98
N ALA B 382 0.90 7.08 -6.94
CA ALA B 382 1.36 7.05 -8.32
C ALA B 382 2.12 8.34 -8.63
N SER B 383 3.10 8.19 -9.52
CA SER B 383 3.87 9.29 -10.07
C SER B 383 3.29 9.77 -11.39
N TYR B 384 2.78 8.87 -12.22
CA TYR B 384 2.15 9.29 -13.46
C TYR B 384 1.37 8.12 -14.07
N PHE B 385 0.34 8.44 -14.86
CA PHE B 385 -0.37 7.42 -15.62
C PHE B 385 0.18 7.32 -17.02
N MET B 386 -0.34 6.33 -17.74
CA MET B 386 -0.13 6.18 -19.18
C MET B 386 -1.46 5.76 -19.80
N PHE B 387 -1.95 6.55 -20.74
CA PHE B 387 -3.12 6.16 -21.51
C PHE B 387 -2.70 5.99 -22.96
N SER B 388 -2.95 4.83 -23.53
CA SER B 388 -2.59 4.60 -24.92
C SER B 388 -3.87 4.55 -25.74
N PHE B 389 -4.09 5.56 -26.56
CA PHE B 389 -5.25 5.56 -27.43
C PHE B 389 -4.79 5.14 -28.83
N GLY B 390 -5.62 4.38 -29.55
CA GLY B 390 -5.33 4.02 -30.92
C GLY B 390 -6.55 3.95 -31.81
N ARG B 391 -6.81 4.99 -32.63
CA ARG B 391 -8.03 5.10 -33.43
C ARG B 391 -7.84 4.47 -34.81
N THR B 392 -8.96 4.19 -35.48
CA THR B 392 -8.92 3.35 -36.67
C THR B 392 -10.02 3.79 -37.64
N SER B 393 -9.65 3.99 -38.91
CA SER B 393 -10.63 4.30 -39.96
C SER B 393 -11.46 3.07 -40.26
N GLY B 394 -12.65 3.00 -39.69
CA GLY B 394 -13.41 1.77 -39.76
C GLY B 394 -13.01 0.77 -38.69
N ASP B 395 -13.64 -0.42 -38.77
CA ASP B 395 -13.63 -1.35 -37.65
C ASP B 395 -12.22 -1.56 -37.12
N LEU B 396 -12.15 -1.86 -35.84
CA LEU B 396 -10.90 -2.22 -35.21
C LEU B 396 -10.47 -3.60 -35.69
N THR B 397 -9.17 -3.81 -35.79
CA THR B 397 -8.67 -5.13 -36.16
C THR B 397 -7.66 -5.57 -35.14
N ASP B 398 -7.39 -6.88 -35.17
CA ASP B 398 -6.40 -7.49 -34.30
C ASP B 398 -5.08 -6.69 -34.35
N THR B 399 -4.70 -6.26 -35.58
CA THR B 399 -3.47 -5.50 -35.84
C THR B 399 -3.28 -4.38 -34.81
N THR B 400 -4.37 -3.65 -34.54
CA THR B 400 -4.39 -2.50 -33.65
C THR B 400 -4.47 -2.93 -32.18
N VAL B 401 -5.34 -3.91 -31.89
CA VAL B 401 -5.34 -4.55 -30.57
C VAL B 401 -3.92 -4.94 -30.19
N GLN B 402 -3.33 -5.80 -31.02
CA GLN B 402 -2.00 -6.32 -30.75
C GLN B 402 -1.01 -5.18 -30.60
N PHE B 403 -1.16 -4.10 -31.38
CA PHE B 403 -0.20 -3.02 -31.36
C PHE B 403 -0.11 -2.40 -29.97
N LEU B 404 -1.27 -2.15 -29.35
CA LEU B 404 -1.27 -1.53 -28.03
C LEU B 404 -0.90 -2.51 -26.95
N ASP B 405 -1.23 -3.79 -27.16
CA ASP B 405 -0.77 -4.84 -26.26
C ASP B 405 0.75 -4.92 -26.29
N GLY B 406 1.30 -5.15 -27.48
CA GLY B 406 2.74 -5.07 -27.67
C GLY B 406 3.33 -3.82 -27.05
N LEU B 407 2.79 -2.66 -27.41
CA LEU B 407 3.24 -1.44 -26.74
C LEU B 407 3.18 -1.61 -25.23
N SER B 408 2.04 -2.06 -24.72
CA SER B 408 1.89 -2.24 -23.28
C SER B 408 3.06 -3.00 -22.70
N GLU B 409 3.41 -4.13 -23.33
CA GLU B 409 4.60 -4.89 -22.93
C GLU B 409 5.85 -4.02 -23.02
N VAL B 410 6.22 -3.62 -24.22
CA VAL B 410 7.49 -2.94 -24.48
C VAL B 410 7.71 -1.77 -23.50
N LEU B 411 6.64 -1.26 -22.88
CA LEU B 411 6.74 -0.31 -21.78
C LEU B 411 7.18 -0.98 -20.49
N THR B 412 6.69 -2.20 -20.30
CA THR B 412 6.90 -2.94 -19.08
C THR B 412 8.24 -3.68 -19.06
N SER B 413 8.92 -3.86 -20.21
CA SER B 413 10.20 -4.58 -20.25
C SER B 413 11.19 -4.07 -19.21
N GLY B 414 11.06 -2.81 -18.78
CA GLY B 414 11.70 -2.31 -17.57
C GLY B 414 11.81 -3.34 -16.47
N GLN B 415 10.69 -3.65 -15.81
CA GLN B 415 10.59 -4.74 -14.83
C GLN B 415 9.36 -5.58 -15.19
N PRO B 416 9.47 -6.44 -16.21
CA PRO B 416 8.26 -7.01 -16.82
C PRO B 416 7.27 -7.61 -15.85
N ASP B 417 7.68 -7.83 -14.59
CA ASP B 417 6.83 -8.54 -13.63
C ASP B 417 6.42 -7.70 -12.41
N ALA B 418 6.78 -6.42 -12.35
CA ALA B 418 6.37 -5.63 -11.19
C ALA B 418 4.86 -5.35 -11.24
N TYR B 419 4.30 -4.80 -10.14
CA TYR B 419 2.88 -4.43 -10.09
C TYR B 419 2.64 -3.14 -10.86
N TYR B 420 1.93 -3.28 -11.98
CA TYR B 420 1.61 -2.21 -12.91
C TYR B 420 0.10 -1.97 -12.80
N GLY B 421 -0.27 -0.83 -12.23
CA GLY B 421 -1.71 -0.52 -12.07
C GLY B 421 -2.37 -0.04 -13.36
N GLN B 422 -3.62 -0.45 -13.56
CA GLN B 422 -4.52 0.17 -14.53
C GLN B 422 -5.41 1.21 -13.83
N TYR B 423 -5.99 2.12 -14.65
CA TYR B 423 -6.90 3.17 -14.16
C TYR B 423 -8.34 2.83 -14.52
N VAL B 424 -9.23 2.87 -13.51
CA VAL B 424 -10.58 2.31 -13.71
C VAL B 424 -11.41 3.22 -14.60
N GLY B 425 -11.12 4.55 -14.62
CA GLY B 425 -11.79 5.47 -15.53
C GLY B 425 -11.44 5.22 -16.98
N ASN B 426 -10.32 4.56 -17.25
CA ASN B 426 -9.96 4.08 -18.59
C ASN B 426 -10.02 2.56 -18.58
N VAL B 427 -11.21 2.01 -18.84
CA VAL B 427 -11.35 0.55 -18.73
C VAL B 427 -10.78 -0.13 -19.98
N ASP B 428 -10.54 -1.43 -19.87
CA ASP B 428 -9.88 -2.21 -20.91
C ASP B 428 -10.56 -3.56 -21.03
N PRO B 429 -11.43 -3.73 -22.00
CA PRO B 429 -12.21 -4.96 -22.13
C PRO B 429 -11.67 -6.00 -23.11
N ARG B 430 -10.38 -5.97 -23.44
CA ARG B 430 -9.82 -6.96 -24.34
C ARG B 430 -8.73 -7.79 -23.68
N GLN B 431 -8.59 -7.65 -22.34
CA GLN B 431 -7.80 -8.45 -21.43
C GLN B 431 -8.69 -9.36 -20.58
N PRO B 432 -8.17 -10.50 -20.09
CA PRO B 432 -8.96 -11.36 -19.19
C PRO B 432 -9.32 -10.67 -17.88
N THR B 433 -10.45 -11.12 -17.33
CA THR B 433 -11.11 -10.43 -16.23
C THR B 433 -10.28 -10.42 -14.97
N ASP B 434 -9.77 -11.59 -14.55
CA ASP B 434 -8.87 -11.64 -13.41
C ASP B 434 -7.79 -10.57 -13.54
N GLU B 435 -7.27 -10.42 -14.77
CA GLU B 435 -6.24 -9.42 -15.05
C GLU B 435 -6.73 -8.02 -14.73
N ALA B 436 -7.91 -7.68 -15.26
CA ALA B 436 -8.46 -6.35 -15.00
C ALA B 436 -8.50 -6.07 -13.50
N LEU B 437 -9.31 -6.85 -12.76
CA LEU B 437 -9.69 -6.52 -11.39
C LEU B 437 -8.48 -6.10 -10.56
N THR B 438 -7.44 -6.90 -10.65
CA THR B 438 -6.18 -6.64 -9.95
C THR B 438 -5.56 -5.32 -10.40
N GLY B 439 -5.66 -5.01 -11.70
CA GLY B 439 -5.23 -3.71 -12.18
C GLY B 439 -6.01 -2.55 -11.58
N TYR B 440 -7.34 -2.57 -11.74
CA TYR B 440 -8.19 -1.43 -11.34
C TYR B 440 -8.12 -1.18 -9.85
N TYR B 441 -8.46 -2.18 -9.05
CA TYR B 441 -8.62 -1.94 -7.63
C TYR B 441 -7.42 -2.36 -6.82
N GLY B 442 -6.78 -3.49 -7.22
CA GLY B 442 -5.65 -4.05 -6.52
C GLY B 442 -5.85 -4.40 -5.04
N LYS B 443 -5.14 -3.69 -4.15
CA LYS B 443 -5.15 -4.01 -2.72
C LYS B 443 -6.57 -4.16 -2.20
N ASN B 444 -7.47 -3.28 -2.64
CA ASN B 444 -8.80 -3.22 -2.08
C ASN B 444 -9.76 -4.21 -2.70
N LEU B 445 -9.39 -4.81 -3.85
CA LEU B 445 -10.19 -5.85 -4.49
C LEU B 445 -10.84 -6.76 -3.46
N HIS B 446 -10.09 -7.17 -2.42
CA HIS B 446 -10.70 -7.95 -1.36
C HIS B 446 -11.74 -7.15 -0.60
N ARG B 447 -11.33 -6.04 0.04
CA ARG B 447 -12.27 -5.30 0.87
C ARG B 447 -13.52 -4.87 0.10
N LEU B 448 -13.36 -4.44 -1.14
CA LEU B 448 -14.55 -4.19 -1.92
C LEU B 448 -15.38 -5.46 -2.04
N GLN B 449 -14.72 -6.61 -2.30
CA GLN B 449 -15.46 -7.87 -2.45
C GLN B 449 -16.26 -8.22 -1.19
N GLN B 450 -15.82 -7.75 -0.01
CA GLN B 450 -16.68 -7.76 1.17
C GLN B 450 -17.90 -6.89 0.96
N ILE B 451 -17.66 -5.59 0.81
CA ILE B 451 -18.74 -4.63 0.77
C ILE B 451 -19.73 -4.99 -0.33
N LYS B 452 -19.23 -5.49 -1.47
CA LYS B 452 -20.09 -5.95 -2.55
C LYS B 452 -21.02 -7.07 -2.10
N SER B 453 -20.55 -7.93 -1.21
CA SER B 453 -21.39 -9.04 -0.79
C SER B 453 -22.36 -8.62 0.31
N ALA B 454 -22.06 -7.51 1.01
CA ALA B 454 -22.98 -6.99 2.02
C ALA B 454 -24.14 -6.24 1.37
N VAL B 455 -23.88 -5.47 0.33
CA VAL B 455 -24.89 -4.59 -0.22
C VAL B 455 -25.15 -4.88 -1.70
N ASP B 456 -24.85 -6.11 -2.16
CA ASP B 456 -25.35 -6.59 -3.45
C ASP B 456 -25.05 -8.08 -3.60
N PRO B 457 -25.42 -8.90 -2.62
CA PRO B 457 -25.16 -10.35 -2.70
C PRO B 457 -25.45 -10.99 -4.03
N ASN B 458 -26.55 -10.63 -4.66
CA ASN B 458 -26.93 -11.29 -5.89
C ASN B 458 -26.30 -10.65 -7.12
N ASP B 459 -25.32 -9.75 -6.93
CA ASP B 459 -24.59 -9.07 -8.01
C ASP B 459 -25.59 -8.55 -9.05
N VAL B 460 -26.39 -7.57 -8.61
CA VAL B 460 -27.36 -6.92 -9.48
C VAL B 460 -26.66 -5.96 -10.42
N PHE B 461 -25.70 -5.21 -9.87
CA PHE B 461 -24.91 -4.23 -10.59
C PHE B 461 -23.65 -4.92 -11.10
N HIS B 462 -23.74 -5.44 -12.30
CA HIS B 462 -22.68 -6.23 -12.90
C HIS B 462 -22.29 -5.64 -14.24
N ASN B 463 -20.98 -5.59 -14.49
CA ASN B 463 -20.40 -5.35 -15.81
C ASN B 463 -19.25 -6.34 -16.01
N GLN B 464 -18.90 -6.57 -17.28
CA GLN B 464 -17.80 -7.47 -17.67
C GLN B 464 -16.59 -7.52 -16.74
N GLN B 465 -16.37 -6.49 -15.91
CA GLN B 465 -15.18 -6.45 -15.06
C GLN B 465 -15.47 -5.81 -13.72
N SER B 466 -16.70 -6.01 -13.24
CA SER B 466 -17.17 -5.47 -11.97
C SER B 466 -16.66 -6.33 -10.81
N ILE B 467 -16.49 -5.70 -9.65
CA ILE B 467 -16.17 -6.42 -8.41
C ILE B 467 -17.15 -7.55 -8.18
N PRO B 468 -16.69 -8.78 -7.86
CA PRO B 468 -17.65 -9.84 -7.51
C PRO B 468 -17.70 -10.06 -6.02
N PRO B 469 -18.76 -10.71 -5.55
CA PRO B 469 -18.79 -11.17 -4.16
C PRO B 469 -17.99 -12.45 -3.92
N LEU B 470 -17.69 -12.69 -2.64
CA LEU B 470 -16.74 -13.69 -2.15
C LEU B 470 -17.25 -15.13 -2.27
N SER B 471 -16.30 -16.09 -2.09
CA SER B 471 -16.53 -17.56 -2.31
C SER B 471 -16.00 -18.62 -1.26
C1 NAG C . 40.65 -15.01 19.26
C2 NAG C . 41.07 -13.68 19.71
C3 NAG C . 40.48 -13.37 21.06
C4 NAG C . 38.96 -13.40 20.97
C5 NAG C . 38.47 -14.73 20.41
C6 NAG C . 37.01 -14.67 20.01
C7 NAG C . 43.25 -12.81 18.97
C8 NAG C . 42.48 -11.87 18.09
N2 NAG C . 42.53 -13.64 19.73
O3 NAG C . 40.90 -12.07 21.45
O4 NAG C . 38.35 -13.18 22.24
O5 NAG C . 39.20 -15.07 19.22
O6 NAG C . 36.86 -14.33 18.63
O7 NAG C . 44.49 -12.82 18.97
C1 NAG C . 37.13 -12.38 22.13
C2 NAG C . 36.18 -12.91 23.21
C3 NAG C . 35.36 -11.78 23.82
C4 NAG C . 36.28 -10.83 24.55
C5 NAG C . 37.39 -10.33 23.62
C6 NAG C . 38.78 -10.66 24.12
C7 NAG C . 35.53 -15.24 22.77
C8 NAG C . 36.72 -15.62 23.61
N2 NAG C . 35.32 -13.92 22.62
O3 NAG C . 34.42 -12.35 24.72
O4 NAG C . 35.63 -9.68 25.09
O5 NAG C . 37.28 -10.87 22.29
O6 NAG C . 38.74 -11.25 25.41
O7 NAG C . 34.80 -16.07 22.25
C1 MAN C . 34.27 -9.77 25.61
C2 MAN C . 33.86 -8.26 25.99
C3 MAN C . 34.03 -7.87 27.48
C4 MAN C . 33.69 -9.09 28.34
C5 MAN C . 34.61 -10.25 27.95
C6 MAN C . 34.56 -11.42 28.92
O2 MAN C . 32.50 -7.99 25.68
O3 MAN C . 33.16 -6.75 27.82
O4 MAN C . 33.84 -8.79 29.71
O5 MAN C . 34.16 -10.71 26.67
O6 MAN C . 33.27 -12.02 28.83
C1 MAN C . 33.72 -5.49 28.32
C2 MAN C . 32.48 -4.71 28.70
C3 MAN C . 31.73 -4.69 27.39
C4 MAN C . 32.41 -3.68 26.43
C5 MAN C . 33.86 -4.23 26.14
C6 MAN C . 34.80 -3.22 25.50
O2 MAN C . 32.79 -3.33 29.04
O3 MAN C . 30.28 -4.62 27.46
O4 MAN C . 31.67 -3.57 25.20
O5 MAN C . 34.52 -4.74 27.39
O6 MAN C . 35.40 -3.87 24.38
C1 MAN C . 29.81 -5.96 27.08
C2 MAN C . 28.74 -5.85 25.90
C3 MAN C . 27.61 -6.92 26.06
C4 MAN C . 28.17 -8.27 26.56
C5 MAN C . 28.69 -8.08 28.02
C6 MAN C . 29.67 -9.19 28.50
O2 MAN C . 29.34 -6.07 24.61
O3 MAN C . 26.79 -7.06 24.88
O4 MAN C . 27.16 -9.32 26.52
O5 MAN C . 29.30 -6.71 28.24
O6 MAN C . 28.91 -10.25 29.14
C1 NAG D . 29.32 -8.92 -6.62
C2 NAG D . 29.97 -8.39 -7.85
C3 NAG D . 29.47 -6.99 -8.19
C4 NAG D . 27.94 -6.88 -8.06
C5 NAG D . 27.46 -7.55 -6.79
C6 NAG D . 25.97 -7.72 -6.77
C7 NAG D . 32.25 -9.25 -8.19
C8 NAG D . 31.65 -10.22 -9.16
N2 NAG D . 31.40 -8.38 -7.62
O3 NAG D . 29.85 -6.72 -9.54
O4 NAG D . 27.53 -5.52 -7.97
O5 NAG D . 27.98 -8.88 -6.76
O6 NAG D . 25.61 -8.68 -7.76
O7 NAG D . 33.44 -9.23 -7.93
C1 NAG D . 26.62 -5.06 -8.99
C2 NAG D . 26.14 -3.66 -8.60
C3 NAG D . 25.29 -3.04 -9.71
C4 NAG D . 25.97 -3.19 -11.07
C5 NAG D . 26.55 -4.59 -11.29
C6 NAG D . 27.51 -4.62 -12.45
C7 NAG D . 25.91 -3.64 -6.14
C8 NAG D . 24.96 -3.72 -4.99
N2 NAG D . 25.36 -3.72 -7.36
O3 NAG D . 25.13 -1.66 -9.42
O4 NAG D . 25.00 -2.98 -12.09
O5 NAG D . 27.33 -4.99 -10.16
O6 NAG D . 28.73 -4.02 -12.06
O7 NAG D . 27.12 -3.54 -5.96
C1 MAN D . 25.15 -1.72 -12.78
C2 MAN D . 24.35 -1.91 -14.06
C3 MAN D . 25.09 -1.28 -15.28
C4 MAN D . 25.82 0.04 -14.93
C5 MAN D . 26.77 -0.17 -13.74
C6 MAN D . 26.65 0.95 -12.74
O2 MAN D . 23.04 -1.33 -13.94
O3 MAN D . 24.20 -1.05 -16.38
O4 MAN D . 26.55 0.55 -16.08
O5 MAN D . 26.50 -1.42 -13.05
O6 MAN D . 25.41 1.64 -12.96
C1 MAN D . 24.59 -1.82 -17.54
C2 MAN D . 23.78 -1.23 -18.73
C3 MAN D . 22.84 -2.33 -19.33
C4 MAN D . 23.58 -3.64 -19.66
C5 MAN D . 24.54 -4.08 -18.48
C6 MAN D . 26.06 -4.07 -18.82
O2 MAN D . 24.64 -0.67 -19.78
O3 MAN D . 22.09 -1.87 -20.45
O4 MAN D . 22.63 -4.68 -19.96
O5 MAN D . 24.36 -3.21 -17.33
O6 MAN D . 26.84 -4.01 -17.60
C1 MAN D . 24.77 1.98 -11.70
C2 MAN D . 23.21 1.75 -11.55
C3 MAN D . 22.42 2.69 -12.49
C4 MAN D . 22.85 4.19 -12.28
C5 MAN D . 24.41 4.45 -12.30
C6 MAN D . 24.70 5.90 -11.88
O2 MAN D . 22.73 1.98 -10.14
O3 MAN D . 20.92 2.55 -12.45
O4 MAN D . 22.12 4.99 -13.31
O5 MAN D . 25.08 3.46 -11.37
O6 MAN D . 25.84 5.96 -11.02
H1 MAN D . 25.23 1.28 -11.01
H2 MAN D . 22.98 0.70 -11.82
H3 MAN D . 22.67 2.37 -13.51
H4 MAN D . 22.60 4.48 -11.25
H5 MAN D . 24.86 4.29 -13.29
H61 MAN D . 23.80 6.29 -11.38
H62 MAN D . 24.87 6.49 -12.80
HO2 MAN D . 21.78 2.23 -10.19
HO3 MAN D . 20.54 3.35 -12.07
HO4 MAN D . 22.58 4.83 -14.17
HO6 MAN D . 26.39 5.19 -11.25
C1 NAG E . -2.95 -23.17 29.74
C2 NAG E . -3.05 -24.47 30.54
C3 NAG E . -2.95 -24.21 32.04
C4 NAG E . -1.77 -23.30 32.38
C5 NAG E . -1.74 -22.06 31.49
C6 NAG E . -0.44 -21.29 31.62
C7 NAG E . -4.31 -26.44 29.75
C8 NAG E . -2.97 -27.12 29.58
N2 NAG E . -4.28 -25.18 30.20
O3 NAG E . -2.72 -25.45 32.69
O4 NAG E . -1.78 -23.00 33.78
O5 NAG E . -1.77 -22.46 30.11
O6 NAG E . 0.61 -21.98 30.97
O7 NAG E . -5.36 -27.00 29.47
C1 NAG E . -0.41 -22.83 34.24
C2 NAG E . -0.27 -22.65 35.77
C3 NAG E . 1.14 -23.04 36.22
C4 NAG E . 1.41 -24.52 36.00
C5 NAG E . 0.90 -25.01 34.64
C6 NAG E . -0.15 -26.08 34.74
C7 NAG E . -1.72 -20.65 35.90
C8 NAG E . -1.81 -19.21 36.35
N2 NAG E . -0.56 -21.27 36.15
O3 NAG E . 1.30 -22.74 37.61
O4 NAG E . 2.82 -24.74 35.86
O5 NAG E . 0.42 -23.98 33.76
O6 NAG E . 0.48 -27.35 34.78
O7 NAG E . -2.64 -21.20 35.30
C1 MAN E . 3.73 -24.62 36.97
C2 MAN E . 4.52 -25.96 36.82
C3 MAN E . 5.23 -26.27 38.07
C4 MAN E . 5.50 -24.97 38.80
C5 MAN E . 4.22 -24.27 39.27
C6 MAN E . 4.52 -22.74 39.44
O2 MAN E . 5.56 -25.82 35.84
O3 MAN E . 6.51 -26.83 37.75
O4 MAN E . 6.37 -25.21 39.89
O5 MAN E . 3.19 -24.49 38.28
O6 MAN E . 3.35 -21.95 39.71
C1 MAN E . 6.85 -28.13 38.36
C2 MAN E . 7.48 -29.34 37.43
C3 MAN E . 8.86 -28.94 36.77
C4 MAN E . 9.93 -28.95 37.91
C5 MAN E . 9.29 -28.18 39.14
C6 MAN E . 10.22 -27.22 39.91
O1 MAN E . 5.69 -28.75 39.06
O2 MAN E . 6.54 -29.79 36.38
O3 MAN E . 8.79 -27.65 36.02
O4 MAN E . 10.37 -30.36 38.27
O5 MAN E . 8.06 -27.32 38.72
O6 MAN E . 10.28 -25.92 39.17
H1 MAN E . 7.17 -28.12 39.46
H2 MAN E . 7.70 -30.20 38.08
H3 MAN E . 9.18 -29.63 35.99
H4 MAN E . 10.85 -28.41 37.58
H5 MAN E . 8.99 -28.98 39.83
H61 MAN E . 11.22 -27.68 39.97
H62 MAN E . 9.82 -27.07 40.91
HO1 MAN E . 5.33 -29.46 38.40
HO2 MAN E . 5.94 -29.04 36.13
HO3 MAN E . 8.86 -26.97 36.69
HO4 MAN E . 9.58 -30.82 38.67
HO6 MAN E . 9.60 -25.94 38.47
C1 NAG F . -40.99 11.91 -21.23
C2 NAG F . -40.80 13.22 -20.50
C3 NAG F . -39.78 14.10 -21.23
C4 NAG F . -38.40 13.47 -21.28
C5 NAG F . -38.50 11.96 -21.48
C6 NAG F . -38.26 11.19 -20.20
C7 NAG F . -42.98 13.77 -19.45
C8 NAG F . -44.27 14.52 -19.64
N2 NAG F . -42.10 13.89 -20.46
O3 NAG F . -39.71 15.34 -20.56
O4 NAG F . -37.70 14.06 -22.39
O5 NAG F . -39.78 11.58 -21.98
O6 NAG F . -36.88 10.96 -20.06
O7 NAG F . -42.76 13.08 -18.46
C1 NAG F . -36.53 14.84 -22.12
C2 NAG F . -35.64 14.70 -23.38
C3 NAG F . -34.55 15.80 -23.51
C4 NAG F . -34.89 17.13 -22.86
C5 NAG F . -35.65 16.89 -21.56
C6 NAG F . -36.09 18.15 -20.88
C7 NAG F . -35.57 12.32 -24.03
C8 NAG F . -34.80 11.03 -23.95
N2 NAG F . -35.03 13.38 -23.41
O3 NAG F . -34.33 16.02 -24.90
O4 NAG F . -33.71 17.86 -22.51
O5 NAG F . -36.82 16.16 -21.87
O6 NAG F . -37.51 18.24 -20.99
O7 NAG F . -36.65 12.39 -24.63
C1 MAN F . -32.98 18.83 -23.36
C2 MAN F . -33.36 20.34 -22.90
C3 MAN F . -32.34 21.32 -23.52
C4 MAN F . -31.39 20.57 -24.53
C5 MAN F . -32.19 19.67 -25.56
C6 MAN F . -31.28 18.91 -26.56
O2 MAN F . -33.28 20.56 -21.50
O3 MAN F . -31.61 22.11 -22.50
O4 MAN F . -30.49 21.48 -25.24
O5 MAN F . -33.12 18.73 -24.83
O6 MAN F . -30.33 19.83 -27.12
C1 NAG G . -31.08 -3.33 1.77
C2 NAG G . -31.75 -3.55 3.12
C3 NAG G . -31.06 -2.75 4.20
C4 NAG G . -29.55 -2.95 4.18
C5 NAG G . -29.01 -2.75 2.78
C6 NAG G . -27.54 -3.07 2.67
C7 NAG G . -34.11 -4.12 2.90
C8 NAG G . -33.67 -5.54 2.77
N2 NAG G . -33.15 -3.20 3.04
O3 NAG G . -31.59 -3.15 5.46
O4 NAG G . -28.94 -1.98 5.03
O5 NAG G . -29.72 -3.61 1.88
O6 NAG G . -27.32 -4.44 2.30
O7 NAG G . -35.29 -3.79 2.82
C1 NAG G . -27.99 -2.55 5.96
C2 NAG G . -27.07 -1.41 6.30
C3 NAG G . -26.03 -1.83 7.34
C4 NAG G . -26.69 -2.57 8.52
C5 NAG G . -27.74 -3.58 8.04
C6 NAG G . -28.60 -4.08 9.17
C7 NAG G . -26.55 0.33 4.67
C8 NAG G . -25.83 0.68 3.40
N2 NAG G . -26.41 -0.93 5.09
O3 NAG G . -25.39 -0.65 7.80
O4 NAG G . -25.70 -3.32 9.22
O5 NAG G . -28.63 -2.97 7.10
O6 NAG G . -28.81 -3.05 10.12
O7 NAG G . -27.25 1.13 5.27
C1 MAN G . -25.42 -2.91 10.59
C2 MAN G . -25.51 -4.21 11.49
C3 MAN G . -26.28 -3.91 12.78
C4 MAN G . -25.84 -2.52 13.39
C5 MAN G . -25.97 -1.34 12.35
C6 MAN G . -24.74 -0.34 12.21
O2 MAN G . -24.22 -4.65 11.90
O3 MAN G . -26.23 -5.01 13.75
O4 MAN G . -26.66 -2.23 14.52
O5 MAN G . -26.30 -1.89 11.04
O6 MAN G . -23.47 -1.00 12.41
C1 NAG H . 1.47 4.67 -37.34
C2 NAG H . 1.10 4.15 -38.72
C3 NAG H . 0.85 5.28 -39.71
C4 NAG H . -0.11 6.32 -39.15
C5 NAG H . 0.38 6.80 -37.79
C6 NAG H . -0.60 7.71 -37.09
C7 NAG H . 2.00 2.02 -39.58
C8 NAG H . 0.61 1.47 -39.49
N2 NAG H . 2.17 3.29 -39.21
O3 NAG H . 0.34 4.74 -40.91
O4 NAG H . -0.16 7.43 -40.04
O5 NAG H . 0.54 5.67 -36.92
O6 NAG H . -1.24 7.03 -36.02
O7 NAG H . 2.94 1.32 -39.94
C1 NAG H . -1.52 7.76 -40.45
C2 NAG H . -1.62 9.24 -40.86
C3 NAG H . -3.00 9.56 -41.44
C4 NAG H . -3.45 8.52 -42.47
C5 NAG H . -3.22 7.10 -41.94
C6 NAG H . -3.50 6.03 -42.96
C7 NAG H . -0.13 10.44 -39.34
C8 NAG H . -0.03 11.33 -38.14
N2 NAG H . -1.36 10.11 -39.73
O3 NAG H . -2.97 10.84 -42.04
O4 NAG H . -4.85 8.70 -42.64
O5 NAG H . -1.86 6.94 -41.54
O6 NAG H . -2.28 5.51 -43.49
O7 NAG H . 0.87 10.03 -39.92
C1 MAN H . -5.33 8.89 -43.97
C2 MAN H . -5.72 10.34 -44.17
C3 MAN H . -6.57 10.39 -45.47
C4 MAN H . -7.93 9.69 -45.24
C5 MAN H . -7.77 8.75 -44.06
C6 MAN H . -8.91 7.78 -44.02
O2 MAN H . -4.60 11.24 -44.29
O3 MAN H . -5.91 9.74 -46.56
O4 MAN H . -8.94 10.63 -44.93
O5 MAN H . -6.48 8.07 -44.25
O6 MAN H . -9.95 8.38 -44.79
PA FAD I . 19.65 -13.42 15.23
O1A FAD I . 19.16 -14.81 15.38
O2A FAD I . 21.15 -13.17 15.37
O5B FAD I . 19.29 -12.92 13.82
C5B FAD I . 17.98 -13.09 13.26
C4B FAD I . 18.07 -13.19 11.75
O4B FAD I . 18.75 -12.02 11.25
C3B FAD I . 18.82 -14.39 11.18
O3B FAD I . 18.26 -14.76 9.92
C2B FAD I . 20.22 -13.83 10.94
O2B FAD I . 20.91 -14.48 9.87
C1B FAD I . 19.89 -12.41 10.50
N9A FAD I . 20.97 -11.49 10.79
C8A FAD I . 21.62 -11.38 11.98
N7A FAD I . 22.59 -10.50 11.97
C5A FAD I . 22.59 -10.03 10.67
C6A FAD I . 23.39 -9.08 10.01
N6A FAD I . 24.39 -8.41 10.60
N1A FAD I . 23.14 -8.84 8.69
C2A FAD I . 22.14 -9.52 8.12
N3A FAD I . 21.32 -10.44 8.64
C4A FAD I . 21.60 -10.64 9.93
N1 FAD I . 11.34 -7.49 17.81
C2 FAD I . 10.71 -6.27 17.82
O2 FAD I . 10.56 -5.63 16.77
N3 FAD I . 10.23 -5.75 19.02
C4 FAD I . 10.33 -6.34 20.26
O4 FAD I . 9.86 -5.79 21.25
C4X FAD I . 11.00 -7.63 20.24
N5 FAD I . 11.12 -8.27 21.35
C5X FAD I . 11.76 -9.49 21.33
C6 FAD I . 11.93 -10.17 22.52
C7 FAD I . 12.58 -11.41 22.54
C7M FAD I . 12.73 -12.14 23.84
C8 FAD I . 13.08 -11.94 21.35
C8M FAD I . 13.84 -13.25 21.33
C9 FAD I . 12.93 -11.25 20.16
C9A FAD I . 12.27 -10.03 20.15
N10 FAD I . 12.15 -9.29 18.96
C10 FAD I . 11.47 -8.11 18.96
C1' FAD I . 12.53 -9.90 17.69
C2' FAD I . 13.82 -9.41 17.07
O2' FAD I . 13.61 -8.10 16.58
C3' FAD I . 14.13 -10.34 15.88
O3' FAD I . 13.87 -11.66 16.35
C4' FAD I . 15.54 -10.36 15.32
O4' FAD I . 15.56 -11.32 14.26
C5' FAD I . 16.52 -10.73 16.42
O5' FAD I . 17.83 -10.23 16.08
P FAD I . 19.12 -10.93 16.61
O1P FAD I . 19.21 -10.80 18.02
O2P FAD I . 20.41 -10.48 15.95
O3P FAD I . 18.87 -12.45 16.23
C1 NAG J . 36.25 -24.97 23.03
C2 NAG J . 36.98 -24.09 24.03
C3 NAG J . 38.35 -23.71 23.50
C4 NAG J . 39.15 -24.96 23.18
C5 NAG J . 38.36 -25.83 22.19
C6 NAG J . 39.02 -27.16 21.92
C7 NAG J . 36.13 -22.35 25.56
C8 NAG J . 37.03 -22.95 26.61
N2 NAG J . 36.18 -22.92 24.35
O3 NAG J . 39.09 -22.92 24.43
O4 NAG J . 40.45 -24.64 22.68
O5 NAG J . 37.05 -26.12 22.72
O6 NAG J . 38.08 -28.21 21.76
O7 NAG J . 35.40 -21.39 25.80
C14 A1ITD K . 7.89 -8.92 19.52
C5 A1ITD K . 6.30 -6.12 21.61
C6 A1ITD K . 6.81 -6.81 20.44
C11 A1ITD K . 8.00 -10.93 20.85
C7 A1ITD K . 7.23 -8.24 20.56
C8 A1ITD K . 6.99 -8.96 21.76
C9 A1ITD K . 7.35 -10.28 21.92
C10 A1ITD K . 7.07 -11.01 23.20
C12 A1ITD K . 8.27 -10.26 19.64
C13 A1ITD K . 8.97 -10.98 18.52
O1 A1ITD K . 6.89 -6.22 19.34
O2 A1ITD K . 8.38 -12.21 20.96
O3 A1ITD K . 8.16 -8.30 18.35
C1 NAG L . -11.50 8.74 36.09
C2 NAG L . -12.18 9.76 37.03
C3 NAG L . -13.70 9.52 37.13
C4 NAG L . -14.03 8.07 37.48
C5 NAG L . -13.03 7.11 36.87
C6 NAG L . -13.64 5.80 36.39
C7 NAG L . -11.23 10.87 38.99
C8 NAG L . -11.61 12.16 38.33
N2 NAG L . -11.57 9.76 38.34
O3 NAG L . -14.35 9.95 35.94
O4 NAG L . -14.02 7.92 38.90
O5 NAG L . -12.42 7.73 35.73
O6 NAG L . -14.58 5.96 35.34
O7 NAG L . -10.70 10.85 40.11
PA FAD M . -20.41 6.03 -18.11
O1A FAD M . -20.07 4.97 -19.11
O2A FAD M . -21.91 6.39 -18.04
O5B FAD M . -20.03 5.55 -16.65
C5B FAD M . -18.79 4.86 -16.38
C4B FAD M . -19.05 3.68 -15.47
O4B FAD M . -19.61 4.14 -14.21
C3B FAD M . -20.03 2.67 -16.03
O3B FAD M . -19.65 1.32 -15.78
C2B FAD M . -21.35 3.09 -15.39
O2B FAD M . -22.18 1.97 -15.10
C1B FAD M . -20.91 3.61 -14.03
N9A FAD M . -21.78 4.68 -13.56
C8A FAD M . -22.22 5.75 -14.29
N7A FAD M . -23.00 6.57 -13.64
C5A FAD M . -23.10 5.99 -12.38
C6A FAD M . -23.78 6.38 -11.20
N6A FAD M . -24.54 7.48 -11.12
N1A FAD M . -23.67 5.59 -10.12
C2A FAD M . -22.91 4.49 -10.20
N3A FAD M . -22.22 4.02 -11.25
C4A FAD M . -22.36 4.82 -12.32
N1 FAD M . -10.99 10.63 -16.09
C2 FAD M . -10.22 11.39 -15.26
O2 FAD M . -10.11 11.10 -14.05
N3 FAD M . -9.55 12.50 -15.75
C4 FAD M . -9.59 12.96 -17.07
O4 FAD M . -8.96 13.97 -17.40
C4X FAD M . -10.41 12.13 -17.95
N5 FAD M . -10.51 12.47 -19.20
C5X FAD M . -11.30 11.68 -20.02
C6 FAD M . -11.42 12.05 -21.37
C7 FAD M . -12.20 11.30 -22.25
C7M FAD M . -12.29 11.72 -23.69
C8 FAD M . -12.89 10.17 -21.78
C8M FAD M . -13.79 9.38 -22.71
C9 FAD M . -12.77 9.81 -20.43
C9A FAD M . -11.98 10.55 -19.55
N10 FAD M . -11.90 10.27 -18.17
C10 FAD M . -11.08 11.00 -17.36
C1' FAD M . -12.41 9.00 -17.62
C2' FAD M . -13.83 8.99 -17.11
O2' FAD M . -13.88 9.36 -15.74
C3' FAD M . -14.27 7.54 -17.14
O3' FAD M . -14.12 7.04 -18.45
C4' FAD M . -15.68 7.34 -16.60
O4' FAD M . -15.84 5.98 -16.17
C5' FAD M . -16.72 7.76 -17.61
O5' FAD M . -17.74 8.53 -16.94
P FAD M . -19.18 8.68 -17.54
O1P FAD M . -19.11 9.84 -18.45
O2P FAD M . -20.08 8.77 -16.29
O3P FAD M . -19.55 7.34 -18.39
C4 A1ITD N . -5.33 13.34 -16.31
C14 A1ITD N . -7.98 9.90 -18.78
C5 A1ITD N . -5.87 12.83 -17.46
C6 A1ITD N . -6.63 11.59 -17.49
C11 A1ITD N . -7.77 9.73 -21.18
C7 A1ITD N . -7.04 10.96 -18.78
C8 A1ITD N . -6.50 11.38 -20.01
C9 A1ITD N . -6.85 10.77 -21.21
C10 A1ITD N . -6.24 11.23 -22.51
C12 A1ITD N . -8.35 9.27 -19.98
C13 A1ITD N . -9.32 8.13 -19.98
O1 A1ITD N . -6.83 10.98 -16.44
O2 A1ITD N . -8.17 9.07 -22.28
O3 A1ITD N . -8.52 9.46 -17.62
C1 A1ITD N . -4.58 14.52 -16.15
C1 NAG O . 15.50 30.53 -19.93
C2 NAG O . 15.65 32.07 -19.81
C3 NAG O . 16.07 32.65 -21.16
C4 NAG O . 17.37 32.00 -21.61
C5 NAG O . 17.18 30.49 -21.69
C6 NAG O . 18.45 29.77 -22.08
C7 NAG O . 13.25 32.58 -19.99
C8 NAG O . 12.08 33.27 -19.38
N2 NAG O . 14.41 32.69 -19.35
O3 NAG O . 16.24 34.06 -21.09
O4 NAG O . 17.75 32.49 -22.89
O5 NAG O . 16.76 29.96 -20.42
O6 NAG O . 19.07 30.41 -23.19
O7 NAG O . 13.17 31.97 -21.06
C1 NAG P . -38.24 6.90 -29.83
C2 NAG P . -38.71 8.33 -29.43
C3 NAG P . -40.18 8.33 -29.04
C4 NAG P . -41.00 7.56 -30.05
C5 NAG P . -40.65 6.09 -29.91
C6 NAG P . -40.80 5.32 -31.20
C7 NAG P . -36.65 9.24 -28.44
C8 NAG P . -36.00 9.74 -27.18
N2 NAG P . -37.92 8.84 -28.32
O3 NAG P . -40.69 9.65 -28.90
O4 NAG P . -42.38 7.81 -29.78
O5 NAG P . -39.29 5.91 -29.46
O6 NAG P . -39.87 5.75 -32.20
O7 NAG P . -36.08 9.25 -29.52
#